data_7EL1
#
_entry.id   7EL1
#
_cell.length_a   330.585
_cell.length_b   105.222
_cell.length_c   68.551
_cell.angle_alpha   90
_cell.angle_beta   92.71
_cell.angle_gamma   90
#
_symmetry.space_group_name_H-M   'C 1 2 1'
#
loop_
_entity.id
_entity.type
_entity.pdbx_description
1 polymer 'CRISPR-associated endonuclease Cas9'
2 polymer 'RNA (73-MER)'
3 polymer 'DNA (28-MER)'
4 polymer "DNA (5'-D(*TP*TP*GP*AP*AP*TP*AP*G)-3')"
5 polymer 100AA
6 water water
#
loop_
_entity_poly.entity_id
_entity_poly.type
_entity_poly.pdbx_seq_one_letter_code
_entity_poly.pdbx_strand_id
1 'polypeptide(L)'
;MKRNYILGLDIGITSVGYGIIDYETRDVIDAGVRLFKEANVENNEGRRSKRGARRLKRRRRHRIQRVKKLLFDYNLLTDH
SELSGINPYEARVKGLSQKLSEEEFSAALLHLAKRRGVHNVNEVEEDTGNELSTKEQISRNSKALEEKYVAELQLERLKK
DGEVRGSINRFKTSDYVKEAKQLLKVQKAYHQLDQSFIDTYIDLLETRRTYYEGPGEGSPFGWKDIKEWYEMLMGHCTYF
PEELRSVKYAYNADLYNALNDLNNLVITRDENEKLEYYEKFQIIENVFKQKKKPTLKQIAKEILVNEEDIKGYRVTSTGK
PEFTNLKVYHDIKDITARKEIIENAELLDQIAKILTIYQSSEDIQEELTNLNSELTQEEIEQISNLKGYTGTHNLSLKAI
NLILDELWHTNDNQIAIFNRLKLVPKKVDLSQQKEIPTTLVDDFILSPVVKRSFIQSIKVINAIIKKYGLPNDIIIELAR
EKNSKDAQKMINEMQKRNRQTNERIEEIIRTTGKENAKYLIEKIKLHDMQEGKCLYSLEAIPLEDLLNNPFNYEVDHIIP
RSVSFDNSFNNKVLVKQEEASKKGNRTPFQYLSSSDSKISYETFKKHILNLAKGKGRISKTKKEYLLEERDINRFSVQKD
FINRNLVDTRYATRGLMNLLRSYFRVNNLDVKVKSINGGFTSFLRRKWKFKKERNKGYKHHAEDALIIANADFIFKEWKK
LDKAKKVMENQMFEEKQAESMPEIETEQEYKEIFITPHQIKHIKDFKDYKYSHRVDKKPNRELINDTLYSTRKDDKGNTL
IVNNLNGLYDKDNDKLKKLINKSPEKLLMYHHDPQTYQKLKLIMEQYGDEKNPLYKYYEETGNYLTKYSKKDNGPVIKKI
KYYGNKLNAHLDITDDYPNSRNKVVKLSLKPYRFDVYLDNGVYKFVTVKNLDVIKKENYYEVNSKAYEEAKKLKKISNQA
EFIASFYNNDLIKINGELYRVIGVNNDLLNRIEVNMIDITYREYLENMNDKRPPRIIKTIASKTQSIKKYSTDILGNLYE
VKSKKHPQIIKKG
;
A
2 'polyribonucleotide' GGAAAUUAGGUGCGCUUGGCGUUUUAGUACUCUGGAAACAGAAUCUACUAAAACAAGGCAAAAUGCCGUGUUU B
3 'polydeoxyribonucleotide'
;(DC)(DT)(DA)(DT)(DT)(DC)(DA)(DA)(DG)(DC)(DC)(DA)(DA)(DG)(DC)(DG)(DC)(DA)(DC)(DC)
(DT)(DA)(DA)(DT)(DT)(DT)(DC)(DC)
;
C
4 'polydeoxyribonucleotide' (DT)(DT)(DG)(DA)(DA)(DT)(DA)(DG) D
5 'polypeptide(L)'
;MKSVKYISNMSKQEKGYRVYVNVVNEDTDKGFLFPSVPKEVIENDKIDELFNFEHHKPYVQKAKSRYDKNGIGYKIVQLD
EGFQKFIELNKEKMKENLDY
;
E
#
loop_
_chem_comp.id
_chem_comp.type
_chem_comp.name
_chem_comp.formula
A RNA linking ADENOSINE-5'-MONOPHOSPHATE 'C10 H14 N5 O7 P'
C RNA linking CYTIDINE-5'-MONOPHOSPHATE 'C9 H14 N3 O8 P'
DA DNA linking 2'-DEOXYADENOSINE-5'-MONOPHOSPHATE 'C10 H14 N5 O6 P'
DC DNA linking 2'-DEOXYCYTIDINE-5'-MONOPHOSPHATE 'C9 H14 N3 O7 P'
DG DNA linking 2'-DEOXYGUANOSINE-5'-MONOPHOSPHATE 'C10 H14 N5 O7 P'
DT DNA linking THYMIDINE-5'-MONOPHOSPHATE 'C10 H15 N2 O8 P'
G RNA linking GUANOSINE-5'-MONOPHOSPHATE 'C10 H14 N5 O8 P'
U RNA linking URIDINE-5'-MONOPHOSPHATE 'C9 H13 N2 O9 P'
#
# COMPACT_ATOMS: atom_id res chain seq x y z
N ARG A 3 19.86 39.41 1.70
CA ARG A 3 20.48 38.75 0.54
C ARG A 3 19.50 37.79 -0.15
N ASN A 4 19.67 37.64 -1.47
CA ASN A 4 18.74 36.87 -2.30
C ASN A 4 19.23 35.42 -2.45
N TYR A 5 18.31 34.48 -2.31
CA TYR A 5 18.71 33.08 -2.26
C TYR A 5 17.73 32.22 -3.04
N ILE A 6 18.20 31.03 -3.37
CA ILE A 6 17.41 29.99 -4.01
C ILE A 6 17.28 28.83 -3.04
N LEU A 7 16.06 28.34 -2.86
CA LEU A 7 15.75 27.25 -1.94
C LEU A 7 15.43 25.98 -2.69
N GLY A 8 16.14 24.90 -2.36
CA GLY A 8 15.82 23.58 -2.87
C GLY A 8 15.36 22.69 -1.74
N LEU A 9 14.37 21.83 -2.05
CA LEU A 9 13.81 20.88 -1.08
C LEU A 9 13.85 19.47 -1.65
N ASP A 10 14.28 18.51 -0.85
CA ASP A 10 14.15 17.08 -1.15
C ASP A 10 13.15 16.50 -0.16
N ILE A 11 11.92 16.27 -0.63
CA ILE A 11 10.83 15.77 0.21
C ILE A 11 10.79 14.25 0.12
N GLY A 12 11.10 13.58 1.23
CA GLY A 12 11.09 12.14 1.30
C GLY A 12 10.07 11.59 2.28
N ILE A 13 10.08 10.26 2.37
CA ILE A 13 9.17 9.49 3.22
C ILE A 13 9.42 9.80 4.70
N THR A 14 10.71 9.98 5.06
CA THR A 14 11.14 10.16 6.44
C THR A 14 11.88 11.47 6.62
N SER A 15 12.03 12.29 5.58
CA SER A 15 12.96 13.40 5.70
C SER A 15 12.52 14.56 4.81
N VAL A 16 12.89 15.76 5.23
CA VAL A 16 12.81 16.96 4.39
C VAL A 16 14.19 17.59 4.38
N GLY A 17 14.86 17.51 3.24
CA GLY A 17 16.15 18.16 3.08
C GLY A 17 15.95 19.54 2.50
N TYR A 18 16.69 20.51 3.04
CA TYR A 18 16.65 21.87 2.53
C TYR A 18 18.05 22.35 2.22
N GLY A 19 18.18 23.01 1.09
CA GLY A 19 19.41 23.65 0.65
C GLY A 19 19.17 25.10 0.26
N ILE A 20 19.87 26.01 0.94
CA ILE A 20 19.72 27.44 0.74
C ILE A 20 21.03 27.95 0.16
N ILE A 21 20.99 28.45 -1.06
CA ILE A 21 22.20 28.90 -1.73
C ILE A 21 21.99 30.29 -2.31
N ASP A 22 23.11 30.97 -2.54
CA ASP A 22 23.04 32.37 -2.94
C ASP A 22 22.69 32.52 -4.42
N TYR A 23 21.86 33.52 -4.71
CA TYR A 23 21.40 33.75 -6.08
C TYR A 23 22.52 34.24 -6.99
N GLU A 24 23.38 35.14 -6.49
CA GLU A 24 24.46 35.68 -7.32
C GLU A 24 25.72 34.79 -7.25
N THR A 25 26.29 34.60 -6.05
CA THR A 25 27.53 33.85 -5.86
C THR A 25 27.38 32.35 -6.11
N ARG A 26 26.16 31.81 -6.05
CA ARG A 26 25.90 30.37 -6.06
C ARG A 26 26.61 29.64 -4.92
N ASP A 27 26.89 30.35 -3.83
CA ASP A 27 27.49 29.75 -2.65
C ASP A 27 26.39 29.24 -1.72
N VAL A 28 26.69 28.17 -1.00
CA VAL A 28 25.73 27.58 -0.07
C VAL A 28 25.66 28.43 1.21
N ILE A 29 24.49 28.99 1.47
CA ILE A 29 24.27 29.74 2.71
C ILE A 29 24.03 28.79 3.89
N ASP A 30 23.13 27.81 3.74
CA ASP A 30 22.86 26.83 4.79
C ASP A 30 22.22 25.60 4.16
N ALA A 31 22.31 24.47 4.86
CA ALA A 31 21.68 23.24 4.41
C ALA A 31 21.41 22.33 5.59
N GLY A 32 20.35 21.55 5.50
CA GLY A 32 20.02 20.66 6.60
C GLY A 32 18.86 19.74 6.28
N VAL A 33 18.58 18.85 7.24
CA VAL A 33 17.57 17.82 7.08
C VAL A 33 16.69 17.79 8.32
N ARG A 34 15.39 17.85 8.10
CA ARG A 34 14.39 17.58 9.11
C ARG A 34 13.94 16.12 8.99
N LEU A 35 13.95 15.40 10.11
CA LEU A 35 13.84 13.95 10.13
C LEU A 35 12.67 13.53 11.00
N PHE A 36 11.90 12.53 10.55
CA PHE A 36 10.68 12.15 11.27
C PHE A 36 10.32 10.70 10.96
N LYS A 37 9.46 10.13 11.81
CA LYS A 37 8.99 8.77 11.54
C LYS A 37 8.07 8.76 10.33
N GLU A 38 8.12 7.66 9.58
CA GLU A 38 7.15 7.43 8.51
C GLU A 38 5.74 7.31 9.08
N ALA A 39 4.79 8.02 8.48
CA ALA A 39 3.39 7.95 8.93
C ALA A 39 2.70 6.77 8.25
N ASN A 40 3.16 5.58 8.58
CA ASN A 40 2.62 4.42 7.90
C ASN A 40 1.19 4.13 8.33
N VAL A 41 0.39 3.72 7.34
CA VAL A 41 -1.02 3.44 7.52
C VAL A 41 -1.26 2.30 8.50
N GLU A 42 -0.31 1.36 8.66
CA GLU A 42 -0.45 0.29 9.64
C GLU A 42 -0.63 0.79 11.08
N ASN A 43 -0.12 1.96 11.41
CA ASN A 43 -0.33 2.45 12.77
C ASN A 43 -1.81 2.70 13.02
N ASN A 44 -2.47 3.45 12.14
CA ASN A 44 -3.91 3.62 12.28
C ASN A 44 -4.68 2.33 12.05
N GLU A 45 -4.31 1.55 11.04
CA GLU A 45 -4.90 0.22 10.86
C GLU A 45 -4.94 -0.53 12.17
N GLY A 46 -3.82 -0.56 12.89
CA GLY A 46 -3.79 -1.27 14.16
C GLY A 46 -4.73 -0.67 15.19
N ARG A 47 -4.75 0.66 15.30
CA ARG A 47 -5.71 1.30 16.17
C ARG A 47 -7.13 0.90 15.82
N ARG A 48 -7.52 1.04 14.55
CA ARG A 48 -8.93 0.78 14.28
C ARG A 48 -9.23 -0.72 14.29
N SER A 49 -8.24 -1.56 13.97
CA SER A 49 -8.38 -3.01 14.21
C SER A 49 -8.65 -3.30 15.68
N LYS A 50 -7.81 -2.77 16.58
CA LYS A 50 -8.01 -3.06 18.00
C LYS A 50 -9.33 -2.49 18.49
N ARG A 51 -9.72 -1.32 18.00
CA ARG A 51 -11.05 -0.79 18.35
C ARG A 51 -12.15 -1.77 17.94
N GLY A 52 -12.05 -2.30 16.72
CA GLY A 52 -13.03 -3.28 16.25
C GLY A 52 -12.99 -4.56 17.05
N ALA A 53 -11.81 -4.97 17.49
CA ALA A 53 -11.72 -6.21 18.26
C ALA A 53 -12.32 -6.04 19.65
N ARG A 54 -12.15 -4.83 20.25
CA ARG A 54 -12.81 -4.54 21.53
C ARG A 54 -14.33 -4.59 21.38
N ARG A 55 -14.86 -4.02 20.30
CA ARG A 55 -16.31 -4.05 20.11
C ARG A 55 -16.84 -5.46 19.99
N LEU A 56 -16.17 -6.31 19.19
CA LEU A 56 -16.64 -7.69 19.05
C LEU A 56 -16.68 -8.37 20.40
N LYS A 57 -15.60 -8.24 21.17
CA LYS A 57 -15.53 -8.93 22.45
C LYS A 57 -16.61 -8.42 23.41
N ARG A 58 -16.77 -7.07 23.49
CA ARG A 58 -17.82 -6.52 24.35
C ARG A 58 -19.18 -7.05 23.91
N ARG A 59 -19.46 -7.03 22.62
CA ARG A 59 -20.80 -7.42 22.17
C ARG A 59 -21.04 -8.92 22.34
N ARG A 60 -20.01 -9.77 22.19
CA ARG A 60 -20.25 -11.18 22.43
C ARG A 60 -20.52 -11.43 23.91
N ARG A 61 -19.80 -10.74 24.80
CA ARG A 61 -20.10 -10.86 26.23
C ARG A 61 -21.52 -10.38 26.52
N HIS A 62 -21.91 -9.23 25.95
CA HIS A 62 -23.25 -8.72 26.16
C HIS A 62 -24.30 -9.67 25.57
N ARG A 63 -24.00 -10.34 24.48
CA ARG A 63 -24.91 -11.34 23.96
C ARG A 63 -25.07 -12.50 24.94
N ILE A 64 -23.96 -12.99 25.51
CA ILE A 64 -24.02 -14.08 26.47
C ILE A 64 -24.82 -13.66 27.70
N GLN A 65 -24.56 -12.46 28.23
CA GLN A 65 -25.25 -12.04 29.43
C GLN A 65 -26.75 -11.89 29.18
N ARG A 66 -27.16 -11.44 27.98
CA ARG A 66 -28.59 -11.30 27.71
C ARG A 66 -29.28 -12.64 27.56
N VAL A 67 -28.63 -13.64 26.95
CA VAL A 67 -29.18 -15.00 27.02
C VAL A 67 -29.28 -15.45 28.47
N LYS A 68 -28.23 -15.19 29.25
CA LYS A 68 -28.23 -15.58 30.65
C LYS A 68 -29.37 -14.92 31.42
N LYS A 69 -29.68 -13.65 31.11
CA LYS A 69 -30.82 -13.03 31.78
C LYS A 69 -32.14 -13.65 31.33
N LEU A 70 -32.27 -13.98 30.04
CA LEU A 70 -33.46 -14.69 29.59
C LEU A 70 -33.64 -15.99 30.36
N LEU A 71 -32.55 -16.73 30.59
CA LEU A 71 -32.65 -17.97 31.31
C LEU A 71 -33.02 -17.75 32.79
N PHE A 72 -32.49 -16.69 33.41
CA PHE A 72 -32.90 -16.36 34.77
C PHE A 72 -34.40 -16.06 34.82
N ASP A 73 -34.87 -15.22 33.90
CA ASP A 73 -36.27 -14.81 33.90
C ASP A 73 -37.24 -15.96 33.79
N TYR A 74 -36.87 -17.06 33.12
CA TYR A 74 -37.75 -18.21 33.04
C TYR A 74 -37.35 -19.31 34.00
N ASN A 75 -36.60 -18.97 35.06
CA ASN A 75 -36.18 -19.91 36.12
C ASN A 75 -35.54 -21.17 35.55
N LEU A 76 -34.86 -21.05 34.42
CA LEU A 76 -34.04 -22.14 33.91
C LEU A 76 -32.62 -22.08 34.47
N LEU A 77 -32.21 -20.92 35.01
CA LEU A 77 -30.93 -20.74 35.69
C LEU A 77 -31.12 -19.99 36.99
N THR A 78 -30.37 -20.41 38.00
CA THR A 78 -30.23 -19.69 39.26
C THR A 78 -28.75 -19.39 39.49
N ASP A 79 -28.46 -18.66 40.58
CA ASP A 79 -27.07 -18.49 41.00
C ASP A 79 -26.51 -19.78 41.58
N HIS A 80 -27.38 -20.69 42.02
CA HIS A 80 -26.96 -21.98 42.54
C HIS A 80 -26.87 -23.05 41.45
N SER A 81 -27.10 -22.72 40.18
CA SER A 81 -27.05 -23.73 39.11
C SER A 81 -25.63 -24.20 38.86
N GLU A 82 -25.46 -25.52 38.78
CA GLU A 82 -24.15 -26.12 38.56
C GLU A 82 -24.11 -26.64 37.12
N LEU A 83 -23.27 -26.02 36.30
CA LEU A 83 -23.17 -26.36 34.88
C LEU A 83 -21.82 -26.97 34.53
N SER A 84 -20.93 -27.16 35.52
CA SER A 84 -19.51 -27.41 35.25
C SER A 84 -19.28 -28.65 34.40
N GLY A 85 -19.76 -29.81 34.86
CA GLY A 85 -19.41 -31.04 34.17
C GLY A 85 -20.23 -31.35 32.93
N ILE A 86 -21.05 -30.43 32.44
CA ILE A 86 -21.89 -30.68 31.27
C ILE A 86 -21.09 -30.42 30.00
N ASN A 87 -21.01 -31.43 29.16
CA ASN A 87 -20.47 -31.24 27.82
C ASN A 87 -21.56 -30.67 26.91
N PRO A 88 -21.40 -29.44 26.41
CA PRO A 88 -22.50 -28.82 25.64
C PRO A 88 -22.70 -29.42 24.27
N TYR A 89 -21.70 -30.05 23.66
CA TYR A 89 -21.96 -30.79 22.43
C TYR A 89 -22.92 -31.94 22.68
N GLU A 90 -22.65 -32.75 23.71
CA GLU A 90 -23.53 -33.87 24.02
C GLU A 90 -24.93 -33.39 24.37
N ALA A 91 -25.02 -32.31 25.18
CA ALA A 91 -26.33 -31.76 25.48
C ALA A 91 -27.02 -31.21 24.24
N ARG A 92 -26.29 -30.58 23.34
CA ARG A 92 -26.93 -30.06 22.14
C ARG A 92 -27.45 -31.20 21.26
N VAL A 93 -26.70 -32.30 21.15
CA VAL A 93 -27.17 -33.40 20.33
C VAL A 93 -28.38 -34.06 20.96
N LYS A 94 -28.30 -34.35 22.25
CA LYS A 94 -29.36 -35.10 22.91
C LYS A 94 -30.64 -34.28 23.00
N GLY A 95 -30.52 -32.96 23.16
CA GLY A 95 -31.66 -32.11 23.16
C GLY A 95 -32.44 -32.07 21.86
N LEU A 96 -31.79 -32.40 20.75
CA LEU A 96 -32.51 -32.40 19.49
C LEU A 96 -33.57 -33.49 19.40
N SER A 97 -33.59 -34.42 20.33
CA SER A 97 -34.60 -35.47 20.25
C SER A 97 -35.09 -35.97 21.59
N GLN A 98 -34.56 -35.47 22.72
CA GLN A 98 -34.95 -35.92 24.04
C GLN A 98 -34.92 -34.73 24.99
N LYS A 99 -35.42 -34.96 26.21
CA LYS A 99 -35.46 -33.91 27.22
C LYS A 99 -34.07 -33.61 27.78
N LEU A 100 -33.78 -32.33 27.99
CA LEU A 100 -32.60 -31.93 28.73
C LEU A 100 -32.99 -31.46 30.12
N SER A 101 -32.08 -31.65 31.07
CA SER A 101 -32.27 -31.00 32.35
C SER A 101 -32.18 -29.48 32.15
N GLU A 102 -32.63 -28.73 33.16
CA GLU A 102 -32.56 -27.27 33.07
C GLU A 102 -31.12 -26.79 32.92
N GLU A 103 -30.19 -27.43 33.61
CA GLU A 103 -28.78 -27.04 33.53
C GLU A 103 -28.18 -27.39 32.17
N GLU A 104 -28.52 -28.57 31.63
CA GLU A 104 -28.08 -28.98 30.29
C GLU A 104 -28.67 -28.08 29.21
N PHE A 105 -29.95 -27.71 29.37
CA PHE A 105 -30.61 -26.84 28.42
C PHE A 105 -29.98 -25.45 28.44
N SER A 106 -29.68 -24.93 29.64
CA SER A 106 -29.03 -23.62 29.71
C SER A 106 -27.64 -23.68 29.10
N ALA A 107 -26.87 -24.73 29.40
CA ALA A 107 -25.52 -24.85 28.88
C ALA A 107 -25.51 -24.88 27.36
N ALA A 108 -26.46 -25.61 26.77
CA ALA A 108 -26.58 -25.69 25.32
C ALA A 108 -26.93 -24.34 24.71
N LEU A 109 -27.91 -23.63 25.27
CA LEU A 109 -28.26 -22.32 24.70
C LEU A 109 -27.12 -21.33 24.84
N LEU A 110 -26.36 -21.38 25.95
CA LEU A 110 -25.28 -20.42 26.15
C LEU A 110 -24.10 -20.71 25.23
N HIS A 111 -23.85 -21.98 24.95
CA HIS A 111 -22.81 -22.35 24.01
C HIS A 111 -23.17 -21.93 22.59
N LEU A 112 -24.44 -22.16 22.19
CA LEU A 112 -24.89 -21.65 20.90
C LEU A 112 -24.72 -20.14 20.82
N ALA A 113 -25.09 -19.40 21.88
CA ALA A 113 -24.99 -17.95 21.82
C ALA A 113 -23.56 -17.46 21.67
N LYS A 114 -22.58 -18.16 22.29
CA LYS A 114 -21.21 -17.66 22.29
C LYS A 114 -20.57 -17.76 20.91
N ARG A 115 -20.85 -18.83 20.16
CA ARG A 115 -20.18 -19.11 18.89
C ARG A 115 -21.26 -19.37 17.84
N ARG A 116 -21.71 -18.31 17.16
CA ARG A 116 -22.95 -18.32 16.38
C ARG A 116 -22.78 -18.22 14.87
N GLY A 117 -21.55 -18.12 14.34
CA GLY A 117 -21.33 -18.26 12.91
C GLY A 117 -21.39 -16.97 12.09
N VAL A 118 -21.07 -17.12 10.78
CA VAL A 118 -21.13 -16.03 9.79
C VAL A 118 -22.53 -15.94 9.22
N HIS A 119 -22.91 -14.76 8.78
CA HIS A 119 -24.20 -14.58 8.15
C HIS A 119 -24.12 -14.16 6.69
N ASN A 120 -22.97 -13.69 6.22
CA ASN A 120 -22.84 -13.03 4.92
C ASN A 120 -22.10 -13.86 3.87
N VAL A 121 -21.36 -14.89 4.27
CA VAL A 121 -20.77 -15.80 3.30
C VAL A 121 -21.82 -16.72 2.70
N ASN A 122 -22.99 -16.82 3.35
CA ASN A 122 -23.88 -17.98 3.22
C ASN A 122 -24.39 -18.21 1.79
N GLU A 123 -24.56 -17.14 1.00
CA GLU A 123 -24.99 -17.35 -0.39
C GLU A 123 -23.85 -17.91 -1.26
N VAL A 124 -22.61 -17.54 -0.96
CA VAL A 124 -21.45 -17.87 -1.79
C VAL A 124 -21.02 -19.32 -1.46
N GLU A 125 -20.75 -20.13 -2.50
CA GLU A 125 -20.16 -21.45 -2.28
C GLU A 125 -19.08 -21.69 -3.31
N GLU A 126 -18.03 -22.39 -2.91
CA GLU A 126 -16.82 -22.58 -3.72
C GLU A 126 -16.51 -24.06 -3.87
N ASP A 127 -15.83 -24.41 -4.97
CA ASP A 127 -15.12 -25.67 -5.08
C ASP A 127 -14.04 -25.71 -4.01
N THR A 128 -13.79 -26.90 -3.44
CA THR A 128 -12.77 -27.00 -2.40
C THR A 128 -11.38 -27.03 -3.04
N GLY A 129 -10.53 -26.07 -2.66
CA GLY A 129 -9.13 -26.09 -2.97
C GLY A 129 -8.26 -26.53 -1.81
N ASN A 130 -8.86 -26.95 -0.70
CA ASN A 130 -8.17 -27.50 0.49
C ASN A 130 -7.19 -26.48 1.09
N GLU A 131 -7.74 -25.41 1.66
CA GLU A 131 -6.89 -24.40 2.29
C GLU A 131 -7.70 -23.60 3.32
N LEU A 132 -7.09 -22.53 3.86
CA LEU A 132 -7.52 -21.80 5.05
C LEU A 132 -8.64 -20.75 4.80
N SER A 133 -9.30 -20.78 3.64
CA SER A 133 -10.40 -19.85 3.36
C SER A 133 -11.66 -20.18 4.17
N THR A 134 -12.36 -19.14 4.65
CA THR A 134 -13.65 -19.41 5.30
C THR A 134 -14.74 -19.73 4.29
N LYS A 135 -14.68 -19.15 3.09
CA LYS A 135 -15.61 -19.54 2.03
C LYS A 135 -15.50 -21.03 1.71
N GLU A 136 -14.29 -21.52 1.51
CA GLU A 136 -14.14 -22.94 1.21
C GLU A 136 -14.58 -23.80 2.39
N GLN A 137 -14.29 -23.35 3.62
CA GLN A 137 -14.68 -24.15 4.79
C GLN A 137 -16.19 -24.14 5.01
N ILE A 138 -16.84 -23.00 4.76
CA ILE A 138 -18.30 -22.96 4.83
C ILE A 138 -18.90 -23.93 3.81
N SER A 139 -18.35 -23.98 2.59
CA SER A 139 -18.85 -24.90 1.59
C SER A 139 -18.65 -26.36 1.99
N ARG A 140 -17.45 -26.71 2.44
CA ARG A 140 -17.22 -28.07 2.90
C ARG A 140 -18.14 -28.44 4.04
N ASN A 141 -18.34 -27.51 5.00
CA ASN A 141 -19.24 -27.79 6.11
C ASN A 141 -20.70 -27.83 5.67
N SER A 142 -21.09 -27.01 4.67
CA SER A 142 -22.47 -27.06 4.19
C SER A 142 -22.78 -28.39 3.52
N LYS A 143 -21.81 -28.99 2.82
CA LYS A 143 -22.04 -30.32 2.28
C LYS A 143 -22.01 -31.39 3.37
N ALA A 144 -21.21 -31.19 4.42
CA ALA A 144 -21.21 -32.14 5.52
C ALA A 144 -22.44 -32.05 6.41
N LEU A 145 -23.30 -31.05 6.23
CA LEU A 145 -24.48 -30.89 7.07
C LEU A 145 -25.79 -31.20 6.33
N GLU A 146 -25.71 -31.88 5.18
CA GLU A 146 -26.91 -32.10 4.36
C GLU A 146 -27.93 -33.00 5.05
N GLU A 147 -27.49 -33.84 6.00
CA GLU A 147 -28.38 -34.71 6.74
C GLU A 147 -28.05 -34.70 8.24
N LYS A 148 -27.44 -33.62 8.71
CA LYS A 148 -26.91 -33.51 10.07
C LYS A 148 -27.12 -32.09 10.59
N TYR A 149 -27.34 -31.97 11.88
CA TYR A 149 -27.25 -30.67 12.53
C TYR A 149 -25.79 -30.34 12.85
N VAL A 150 -25.52 -29.04 13.07
CA VAL A 150 -24.16 -28.62 13.44
C VAL A 150 -23.65 -29.42 14.62
N ALA A 151 -24.41 -29.47 15.72
CA ALA A 151 -23.94 -30.16 16.91
C ALA A 151 -23.65 -31.63 16.65
N GLU A 152 -24.36 -32.27 15.72
CA GLU A 152 -24.09 -33.67 15.38
C GLU A 152 -22.73 -33.83 14.70
N LEU A 153 -22.44 -32.99 13.72
CA LEU A 153 -21.14 -33.02 13.07
C LEU A 153 -20.03 -32.69 14.04
N GLN A 154 -20.25 -31.70 14.93
CA GLN A 154 -19.24 -31.31 15.90
C GLN A 154 -18.97 -32.44 16.89
N LEU A 155 -20.02 -33.15 17.31
CA LEU A 155 -19.82 -34.25 18.24
C LEU A 155 -19.15 -35.46 17.56
N GLU A 156 -19.34 -35.66 16.26
CA GLU A 156 -18.61 -36.72 15.57
C GLU A 156 -17.13 -36.38 15.48
N ARG A 157 -16.81 -35.12 15.17
CA ARG A 157 -15.42 -34.68 15.22
C ARG A 157 -14.83 -34.84 16.61
N LEU A 158 -15.61 -34.54 17.65
CA LEU A 158 -15.09 -34.68 19.01
C LEU A 158 -14.79 -36.15 19.34
N LYS A 159 -15.68 -37.06 18.96
CA LYS A 159 -15.46 -38.47 19.27
C LYS A 159 -14.41 -39.12 18.37
N LYS A 160 -14.40 -38.82 17.08
CA LYS A 160 -13.46 -39.48 16.19
C LYS A 160 -12.07 -38.84 16.23
N ASP A 161 -11.97 -37.51 16.01
CA ASP A 161 -10.68 -36.83 15.94
C ASP A 161 -10.18 -36.30 17.30
N GLY A 162 -11.03 -36.29 18.34
CA GLY A 162 -10.62 -35.81 19.65
C GLY A 162 -10.68 -34.30 19.85
N GLU A 163 -11.09 -33.54 18.82
CA GLU A 163 -11.18 -32.08 18.89
C GLU A 163 -12.31 -31.57 18.02
N VAL A 164 -12.78 -30.35 18.35
CA VAL A 164 -13.84 -29.63 17.63
C VAL A 164 -13.35 -28.26 17.15
N ARG A 165 -12.62 -27.54 18.00
CA ARG A 165 -12.28 -26.14 17.76
C ARG A 165 -11.20 -26.01 16.69
N GLY A 166 -11.15 -24.83 16.05
CA GLY A 166 -10.10 -24.53 15.09
C GLY A 166 -10.59 -24.02 13.75
N SER A 167 -9.75 -24.12 12.71
CA SER A 167 -10.12 -23.65 11.37
C SER A 167 -11.34 -24.38 10.82
N ILE A 168 -11.49 -25.66 11.17
CA ILE A 168 -12.61 -26.46 10.69
C ILE A 168 -13.95 -25.96 11.19
N ASN A 169 -13.97 -25.23 12.32
CA ASN A 169 -15.17 -24.96 13.09
C ASN A 169 -15.92 -23.71 12.60
N ARG A 170 -15.91 -23.41 11.31
CA ARG A 170 -16.62 -22.24 10.79
C ARG A 170 -17.92 -22.68 10.12
N PHE A 171 -19.04 -22.17 10.64
CA PHE A 171 -20.38 -22.50 10.17
C PHE A 171 -21.18 -21.21 9.92
N LYS A 172 -22.31 -21.36 9.23
CA LYS A 172 -23.25 -20.26 9.03
C LYS A 172 -24.16 -20.11 10.24
N THR A 173 -24.47 -18.85 10.57
CA THR A 173 -25.50 -18.57 11.57
C THR A 173 -26.79 -19.32 11.28
N SER A 174 -27.24 -19.33 10.03
CA SER A 174 -28.49 -20.01 9.67
C SER A 174 -28.46 -21.49 9.99
N ASP A 175 -27.28 -22.11 10.01
CA ASP A 175 -27.20 -23.49 10.47
C ASP A 175 -27.33 -23.59 11.99
N TYR A 176 -26.77 -22.63 12.73
CA TYR A 176 -26.98 -22.66 14.17
C TYR A 176 -28.46 -22.42 14.50
N VAL A 177 -29.10 -21.55 13.72
CA VAL A 177 -30.51 -21.24 13.94
C VAL A 177 -31.38 -22.48 13.70
N LYS A 178 -31.17 -23.20 12.59
CA LYS A 178 -31.83 -24.48 12.37
C LYS A 178 -31.71 -25.37 13.59
N GLU A 179 -30.50 -25.59 14.07
CA GLU A 179 -30.32 -26.46 15.25
C GLU A 179 -31.05 -25.89 16.46
N ALA A 180 -30.95 -24.57 16.67
CA ALA A 180 -31.60 -23.96 17.83
C ALA A 180 -33.12 -24.09 17.78
N LYS A 181 -33.72 -24.01 16.58
CA LYS A 181 -35.16 -24.17 16.48
C LYS A 181 -35.58 -25.62 16.75
N GLN A 182 -34.85 -26.60 16.22
CA GLN A 182 -35.15 -27.99 16.54
C GLN A 182 -35.01 -28.27 18.03
N LEU A 183 -33.97 -27.70 18.67
CA LEU A 183 -33.77 -27.88 20.11
C LEU A 183 -34.90 -27.26 20.91
N LEU A 184 -35.32 -26.06 20.54
CA LEU A 184 -36.40 -25.42 21.26
C LEU A 184 -37.73 -26.12 20.99
N LYS A 185 -37.91 -26.67 19.79
CA LYS A 185 -39.15 -27.39 19.48
C LYS A 185 -39.29 -28.61 20.38
N VAL A 186 -38.19 -29.31 20.65
CA VAL A 186 -38.25 -30.45 21.56
C VAL A 186 -38.41 -29.98 23.01
N GLN A 187 -37.58 -29.03 23.43
CA GLN A 187 -37.59 -28.71 24.85
C GLN A 187 -38.84 -27.97 25.30
N LYS A 188 -39.61 -27.37 24.39
CA LYS A 188 -40.85 -26.69 24.80
C LYS A 188 -41.91 -27.67 25.26
N ALA A 189 -41.81 -28.94 24.82
CA ALA A 189 -42.68 -29.99 25.32
C ALA A 189 -42.35 -30.40 26.76
N TYR A 190 -41.13 -30.11 27.25
CA TYR A 190 -40.70 -30.55 28.58
C TYR A 190 -40.44 -29.40 29.56
N HIS A 191 -40.45 -28.16 29.10
CA HIS A 191 -40.12 -27.01 29.93
C HIS A 191 -41.15 -25.93 29.68
N GLN A 192 -41.34 -25.06 30.64
CA GLN A 192 -42.38 -24.03 30.53
C GLN A 192 -41.77 -22.81 29.85
N LEU A 193 -41.84 -22.81 28.53
CA LEU A 193 -41.51 -21.63 27.75
C LEU A 193 -42.69 -21.23 26.85
N ASP A 194 -42.55 -20.06 26.23
CA ASP A 194 -43.58 -19.55 25.34
C ASP A 194 -42.93 -19.06 24.04
N GLN A 195 -43.73 -18.52 23.13
CA GLN A 195 -43.19 -18.06 21.85
C GLN A 195 -42.22 -16.89 22.06
N SER A 196 -42.51 -16.02 23.02
CA SER A 196 -41.61 -14.90 23.28
C SER A 196 -40.23 -15.38 23.72
N PHE A 197 -40.14 -16.50 24.45
CA PHE A 197 -38.83 -17.10 24.71
C PHE A 197 -38.12 -17.44 23.40
N ILE A 198 -38.82 -18.13 22.49
CA ILE A 198 -38.19 -18.61 21.26
C ILE A 198 -37.77 -17.44 20.37
N ASP A 199 -38.65 -16.45 20.20
CA ASP A 199 -38.30 -15.31 19.37
C ASP A 199 -37.14 -14.51 19.97
N THR A 200 -37.11 -14.38 21.30
CA THR A 200 -36.07 -13.58 21.92
C THR A 200 -34.72 -14.28 21.85
N TYR A 201 -34.71 -15.59 22.09
CA TYR A 201 -33.47 -16.33 22.00
C TYR A 201 -32.96 -16.37 20.56
N ILE A 202 -33.81 -16.72 19.60
CA ILE A 202 -33.36 -16.76 18.21
C ILE A 202 -32.90 -15.39 17.76
N ASP A 203 -33.59 -14.35 18.24
CA ASP A 203 -33.12 -13.00 17.97
C ASP A 203 -31.71 -12.78 18.49
N LEU A 204 -31.44 -13.11 19.76
CA LEU A 204 -30.11 -12.90 20.33
C LEU A 204 -29.05 -13.68 19.57
N LEU A 205 -29.40 -14.90 19.17
CA LEU A 205 -28.50 -15.78 18.44
C LEU A 205 -28.10 -15.21 17.06
N GLU A 206 -29.05 -14.68 16.29
CA GLU A 206 -28.74 -14.27 14.92
C GLU A 206 -28.48 -12.78 14.71
N THR A 207 -28.94 -11.89 15.60
CA THR A 207 -28.84 -10.46 15.31
C THR A 207 -27.41 -9.97 15.42
N ARG A 208 -27.02 -9.14 14.48
CA ARG A 208 -25.90 -8.24 14.69
C ARG A 208 -26.21 -6.92 14.01
N ARG A 209 -25.41 -5.91 14.33
CA ARG A 209 -25.57 -4.60 13.69
C ARG A 209 -25.16 -4.68 12.23
N THR A 210 -25.64 -3.72 11.44
CA THR A 210 -25.23 -3.57 10.04
C THR A 210 -24.19 -2.46 9.93
N TYR A 211 -23.47 -2.46 8.81
CA TYR A 211 -22.51 -1.39 8.54
C TYR A 211 -23.14 0.00 8.62
N TYR A 212 -24.40 0.15 8.19
CA TYR A 212 -25.06 1.45 8.17
C TYR A 212 -25.74 1.81 9.49
N GLU A 213 -25.78 0.88 10.46
CA GLU A 213 -26.30 1.23 11.78
C GLU A 213 -25.18 1.75 12.67
N GLY A 214 -23.99 1.16 12.57
CA GLY A 214 -22.87 1.60 13.37
C GLY A 214 -23.12 1.38 14.86
N PRO A 215 -22.28 2.00 15.68
CA PRO A 215 -22.27 1.68 17.10
C PRO A 215 -23.38 2.41 17.84
N GLY A 216 -23.64 1.97 19.07
CA GLY A 216 -24.75 2.44 19.87
C GLY A 216 -24.55 3.89 20.35
N GLU A 217 -25.54 4.33 21.12
CA GLU A 217 -25.66 5.75 21.46
C GLU A 217 -24.46 6.23 22.25
N GLY A 218 -23.99 7.44 21.90
CA GLY A 218 -22.89 8.06 22.60
C GLY A 218 -21.54 7.92 21.94
N SER A 219 -21.45 7.15 20.87
CA SER A 219 -20.14 6.88 20.30
C SER A 219 -19.66 8.05 19.42
N PRO A 220 -18.42 8.51 19.61
CA PRO A 220 -17.85 9.53 18.69
C PRO A 220 -17.74 9.04 17.28
N PHE A 221 -17.81 7.75 17.05
CA PHE A 221 -17.75 7.18 15.72
C PHE A 221 -19.13 6.97 15.13
N GLY A 222 -20.21 7.18 15.89
CA GLY A 222 -21.55 6.83 15.47
C GLY A 222 -22.27 7.97 14.75
N TRP A 223 -23.57 7.76 14.54
CA TRP A 223 -24.41 8.70 13.79
C TRP A 223 -25.86 8.43 14.18
N LYS A 224 -26.72 9.45 14.03
CA LYS A 224 -28.07 9.25 14.57
C LYS A 224 -29.02 8.57 13.59
N ASP A 225 -28.87 8.75 12.27
CA ASP A 225 -29.73 8.08 11.29
C ASP A 225 -28.94 7.84 10.01
N ILE A 226 -29.55 7.08 9.11
CA ILE A 226 -28.97 6.80 7.80
C ILE A 226 -28.80 8.08 6.98
N LYS A 227 -29.76 9.01 7.07
CA LYS A 227 -29.63 10.29 6.39
C LYS A 227 -28.34 11.00 6.77
N GLU A 228 -28.09 11.16 8.08
CA GLU A 228 -26.87 11.84 8.53
C GLU A 228 -25.62 11.09 8.08
N TRP A 229 -25.62 9.77 8.30
CA TRP A 229 -24.53 8.89 7.87
C TRP A 229 -24.15 9.12 6.41
N TYR A 230 -25.15 9.03 5.50
CA TYR A 230 -24.85 9.12 4.07
C TYR A 230 -24.44 10.53 3.68
N GLU A 231 -25.18 11.54 4.16
CA GLU A 231 -24.87 12.92 3.76
C GLU A 231 -23.48 13.35 4.22
N MET A 232 -23.02 12.88 5.40
CA MET A 232 -21.66 13.24 5.81
C MET A 232 -20.61 12.51 4.98
N LEU A 233 -20.95 11.31 4.47
CA LEU A 233 -20.02 10.61 3.59
C LEU A 233 -19.96 11.24 2.20
N MET A 234 -21.09 11.74 1.68
CA MET A 234 -21.13 12.05 0.26
C MET A 234 -20.46 13.39 -0.02
N GLY A 235 -20.02 13.55 -1.28
CA GLY A 235 -19.29 14.72 -1.69
C GLY A 235 -20.21 15.85 -2.13
N HIS A 236 -19.56 16.95 -2.53
CA HIS A 236 -20.23 18.18 -2.86
C HIS A 236 -20.08 18.47 -4.36
N CYS A 237 -20.93 19.37 -4.86
CA CYS A 237 -20.95 19.67 -6.29
C CYS A 237 -19.69 20.43 -6.70
N THR A 238 -19.23 20.17 -7.93
CA THR A 238 -18.10 20.91 -8.47
C THR A 238 -18.39 22.39 -8.60
N TYR A 239 -19.61 22.77 -9.04
CA TYR A 239 -19.91 24.16 -9.33
C TYR A 239 -20.68 24.86 -8.20
N PHE A 240 -21.38 24.12 -7.35
CA PHE A 240 -22.05 24.69 -6.19
C PHE A 240 -21.52 23.95 -4.97
N PRO A 241 -20.40 24.40 -4.38
CA PRO A 241 -19.73 23.59 -3.35
C PRO A 241 -20.48 23.50 -2.03
N GLU A 242 -21.53 24.30 -1.82
CA GLU A 242 -22.35 24.08 -0.64
C GLU A 242 -23.48 23.08 -0.89
N GLU A 243 -23.70 22.67 -2.13
CA GLU A 243 -24.72 21.67 -2.45
C GLU A 243 -24.14 20.27 -2.43
N LEU A 244 -24.87 19.33 -1.83
CA LEU A 244 -24.49 17.93 -1.94
C LEU A 244 -24.68 17.43 -3.37
N ARG A 245 -23.81 16.52 -3.78
CA ARG A 245 -23.93 15.87 -5.07
C ARG A 245 -25.32 15.24 -5.24
N SER A 246 -25.77 15.20 -6.49
CA SER A 246 -26.87 14.34 -6.85
C SER A 246 -26.46 12.87 -6.69
N VAL A 247 -27.44 12.06 -6.27
CA VAL A 247 -27.34 10.61 -6.41
C VAL A 247 -27.05 10.25 -7.87
N LYS A 248 -26.24 9.20 -8.06
CA LYS A 248 -25.74 8.89 -9.40
C LYS A 248 -26.87 8.60 -10.39
N TYR A 249 -27.87 7.83 -9.99
CA TYR A 249 -28.88 7.37 -10.93
C TYR A 249 -30.20 8.12 -10.79
N ALA A 250 -30.17 9.37 -10.32
CA ALA A 250 -31.34 10.22 -10.41
C ALA A 250 -31.73 10.37 -11.89
N TYR A 251 -33.04 10.51 -12.12
CA TYR A 251 -33.54 10.59 -13.50
C TYR A 251 -32.91 11.73 -14.26
N ASN A 252 -32.99 12.95 -13.73
CA ASN A 252 -32.43 14.11 -14.40
C ASN A 252 -30.92 14.03 -14.59
N ALA A 253 -30.20 13.29 -13.74
CA ALA A 253 -28.76 13.14 -13.95
C ALA A 253 -28.46 12.27 -15.16
N ASP A 254 -29.24 11.20 -15.37
CA ASP A 254 -29.02 10.38 -16.55
C ASP A 254 -29.60 11.05 -17.80
N LEU A 255 -30.63 11.87 -17.65
CA LEU A 255 -31.07 12.68 -18.79
C LEU A 255 -30.01 13.70 -19.15
N TYR A 256 -29.40 14.32 -18.14
CA TYR A 256 -28.25 15.20 -18.35
C TYR A 256 -27.13 14.47 -19.08
N ASN A 257 -26.81 13.25 -18.65
CA ASN A 257 -25.76 12.51 -19.35
C ASN A 257 -26.16 12.19 -20.78
N ALA A 258 -27.45 11.84 -20.99
CA ALA A 258 -27.88 11.49 -22.34
C ALA A 258 -27.83 12.71 -23.26
N LEU A 259 -28.23 13.88 -22.76
CA LEU A 259 -28.22 15.06 -23.61
C LEU A 259 -26.80 15.54 -23.88
N ASN A 260 -25.88 15.37 -22.92
CA ASN A 260 -24.48 15.59 -23.22
C ASN A 260 -23.99 14.65 -24.32
N ASP A 261 -24.39 13.37 -24.26
CA ASP A 261 -23.96 12.41 -25.28
C ASP A 261 -24.48 12.80 -26.66
N LEU A 262 -25.71 13.32 -26.73
CA LEU A 262 -26.29 13.67 -28.01
C LEU A 262 -25.70 14.97 -28.56
N ASN A 263 -25.46 15.95 -27.69
CA ASN A 263 -24.88 17.21 -28.14
C ASN A 263 -23.43 17.10 -28.57
N ASN A 264 -22.76 16.00 -28.26
CA ASN A 264 -21.39 15.77 -28.73
C ASN A 264 -21.35 14.98 -30.03
N LEU A 265 -22.49 14.57 -30.55
CA LEU A 265 -22.54 13.92 -31.85
C LEU A 265 -22.32 14.94 -32.97
N VAL A 266 -21.73 14.49 -34.07
CA VAL A 266 -21.62 15.26 -35.30
C VAL A 266 -22.16 14.37 -36.43
N ILE A 267 -23.17 14.87 -37.14
CA ILE A 267 -23.88 14.08 -38.16
C ILE A 267 -23.41 14.52 -39.54
N THR A 268 -22.98 13.55 -40.35
CA THR A 268 -22.57 13.81 -41.73
C THR A 268 -23.82 13.74 -42.60
N ARG A 269 -24.33 14.91 -42.99
CA ARG A 269 -25.56 15.03 -43.75
C ARG A 269 -25.68 16.46 -44.28
N ASP A 270 -26.59 16.64 -45.23
CA ASP A 270 -26.72 17.92 -45.90
C ASP A 270 -27.21 19.01 -44.95
N GLU A 271 -28.14 18.68 -44.06
CA GLU A 271 -28.57 19.62 -43.04
C GLU A 271 -27.56 19.65 -41.88
N ASN A 272 -27.98 20.19 -40.72
CA ASN A 272 -27.06 20.61 -39.68
C ASN A 272 -26.22 19.44 -39.13
N GLU A 273 -24.92 19.69 -38.97
CA GLU A 273 -23.96 18.80 -38.33
C GLU A 273 -24.42 18.36 -36.94
N LYS A 274 -25.11 19.22 -36.19
CA LYS A 274 -25.52 18.94 -34.82
C LYS A 274 -27.03 18.66 -34.75
N LEU A 275 -27.43 17.84 -33.77
CA LEU A 275 -28.84 17.48 -33.64
C LEU A 275 -29.68 18.66 -33.18
N GLU A 276 -30.81 18.88 -33.85
CA GLU A 276 -31.68 19.96 -33.42
C GLU A 276 -32.65 19.43 -32.36
N TYR A 277 -33.32 20.37 -31.68
CA TYR A 277 -34.09 20.02 -30.50
C TYR A 277 -35.04 18.86 -30.73
N TYR A 278 -35.89 18.92 -31.77
CA TYR A 278 -36.94 17.92 -31.91
C TYR A 278 -36.38 16.54 -32.25
N GLU A 279 -35.20 16.47 -32.87
CA GLU A 279 -34.57 15.16 -33.06
C GLU A 279 -34.04 14.61 -31.75
N LYS A 280 -33.53 15.48 -30.87
CA LYS A 280 -33.15 15.02 -29.55
C LYS A 280 -34.37 14.56 -28.76
N PHE A 281 -35.48 15.30 -28.86
CA PHE A 281 -36.74 14.86 -28.25
C PHE A 281 -37.14 13.48 -28.77
N GLN A 282 -37.04 13.27 -30.09
CA GLN A 282 -37.45 11.99 -30.66
C GLN A 282 -36.47 10.87 -30.30
N ILE A 283 -35.18 11.20 -30.14
CA ILE A 283 -34.21 10.18 -29.73
C ILE A 283 -34.40 9.80 -28.26
N ILE A 284 -34.67 10.78 -27.39
CA ILE A 284 -34.93 10.47 -25.99
C ILE A 284 -36.19 9.62 -25.86
N GLU A 285 -37.28 10.04 -26.53
CA GLU A 285 -38.58 9.38 -26.32
C GLU A 285 -38.71 8.06 -27.03
N ASN A 286 -37.97 7.84 -28.13
CA ASN A 286 -38.17 6.65 -28.93
C ASN A 286 -37.02 5.65 -28.86
N VAL A 287 -35.81 6.09 -28.52
CA VAL A 287 -34.68 5.20 -28.30
C VAL A 287 -34.30 5.09 -26.83
N PHE A 288 -34.07 6.21 -26.16
CA PHE A 288 -33.55 6.13 -24.80
C PHE A 288 -34.62 5.72 -23.80
N LYS A 289 -35.89 6.02 -24.08
CA LYS A 289 -37.00 5.62 -23.23
C LYS A 289 -37.66 4.33 -23.69
N GLN A 290 -37.09 3.66 -24.70
CA GLN A 290 -37.59 2.38 -25.19
C GLN A 290 -36.58 1.26 -25.08
N LYS A 291 -35.29 1.54 -25.23
CA LYS A 291 -34.23 0.55 -25.16
C LYS A 291 -33.41 0.74 -23.88
N LYS A 292 -33.09 -0.36 -23.21
CA LYS A 292 -32.36 -0.26 -21.95
C LYS A 292 -30.94 0.18 -22.19
N LYS A 293 -30.27 -0.43 -23.19
CA LYS A 293 -28.91 -0.07 -23.57
C LYS A 293 -28.95 0.38 -25.03
N PRO A 294 -29.05 1.68 -25.28
CA PRO A 294 -29.22 2.17 -26.65
C PRO A 294 -27.98 1.98 -27.51
N THR A 295 -28.20 1.66 -28.78
CA THR A 295 -27.14 1.42 -29.77
C THR A 295 -27.09 2.55 -30.81
N LEU A 296 -25.97 2.59 -31.54
CA LEU A 296 -25.79 3.60 -32.58
C LEU A 296 -26.77 3.38 -33.74
N LYS A 297 -27.10 2.12 -34.04
CA LYS A 297 -28.02 1.83 -35.14
C LYS A 297 -29.40 2.40 -34.89
N GLN A 298 -29.83 2.43 -33.62
CA GLN A 298 -31.15 2.94 -33.27
C GLN A 298 -31.18 4.47 -33.28
N ILE A 299 -30.07 5.12 -32.92
CA ILE A 299 -29.97 6.56 -33.10
C ILE A 299 -30.03 6.90 -34.59
N ALA A 300 -29.23 6.19 -35.39
CA ALA A 300 -29.16 6.48 -36.82
C ALA A 300 -30.50 6.25 -37.50
N LYS A 301 -31.23 5.20 -37.10
CA LYS A 301 -32.54 4.96 -37.70
C LYS A 301 -33.55 6.03 -37.30
N GLU A 302 -33.38 6.64 -36.12
CA GLU A 302 -34.39 7.62 -35.69
C GLU A 302 -34.24 8.97 -36.40
N ILE A 303 -33.05 9.29 -36.90
CA ILE A 303 -32.86 10.49 -37.69
C ILE A 303 -32.54 10.16 -39.15
N LEU A 304 -32.68 8.90 -39.55
CA LEU A 304 -32.71 8.47 -40.96
C LEU A 304 -31.37 8.70 -41.66
N VAL A 305 -30.26 8.42 -40.95
CA VAL A 305 -28.96 8.32 -41.61
C VAL A 305 -28.39 6.95 -41.31
N ASN A 306 -27.17 6.68 -41.78
CA ASN A 306 -26.50 5.42 -41.49
C ASN A 306 -25.43 5.64 -40.42
N GLU A 307 -24.91 4.51 -39.92
CA GLU A 307 -24.04 4.58 -38.74
C GLU A 307 -22.78 5.36 -39.02
N GLU A 308 -22.16 5.18 -40.20
CA GLU A 308 -20.94 5.91 -40.50
C GLU A 308 -21.20 7.39 -40.75
N ASP A 309 -22.42 7.88 -40.81
CA ASP A 309 -22.58 9.35 -40.86
C ASP A 309 -22.56 9.99 -39.48
N ILE A 310 -22.30 9.21 -38.41
CA ILE A 310 -22.34 9.70 -37.03
C ILE A 310 -20.97 9.49 -36.37
N LYS A 311 -20.39 10.57 -35.84
CA LYS A 311 -19.13 10.56 -35.09
C LYS A 311 -19.29 11.34 -33.78
N GLY A 312 -18.31 11.17 -32.89
CA GLY A 312 -18.28 11.89 -31.62
C GLY A 312 -18.85 11.16 -30.43
N TYR A 313 -19.14 9.87 -30.55
CA TYR A 313 -19.78 9.13 -29.46
C TYR A 313 -18.74 8.49 -28.57
N ARG A 314 -19.05 8.40 -27.28
CA ARG A 314 -18.18 7.67 -26.38
C ARG A 314 -18.12 6.21 -26.84
N VAL A 315 -17.03 5.54 -26.48
CA VAL A 315 -16.73 4.22 -27.04
C VAL A 315 -16.20 3.31 -25.94
N THR A 316 -16.59 2.03 -25.98
CA THR A 316 -16.01 1.04 -25.10
C THR A 316 -14.58 0.71 -25.54
N SER A 317 -13.87 0.01 -24.66
CA SER A 317 -12.54 -0.50 -24.98
C SER A 317 -12.57 -1.50 -26.13
N THR A 318 -13.66 -2.27 -26.27
CA THR A 318 -13.84 -3.15 -27.41
C THR A 318 -14.02 -2.39 -28.71
N GLY A 319 -14.41 -1.12 -28.63
CA GLY A 319 -14.73 -0.31 -29.78
C GLY A 319 -16.21 -0.08 -29.98
N LYS A 320 -17.07 -0.70 -29.18
CA LYS A 320 -18.50 -0.55 -29.47
C LYS A 320 -19.02 0.76 -28.87
N PRO A 321 -19.92 1.44 -29.57
CA PRO A 321 -20.40 2.75 -29.12
C PRO A 321 -21.15 2.63 -27.79
N GLU A 322 -21.04 3.69 -26.97
CA GLU A 322 -21.55 3.69 -25.61
C GLU A 322 -22.44 4.91 -25.40
N PHE A 323 -23.67 4.67 -24.96
CA PHE A 323 -24.63 5.73 -24.70
C PHE A 323 -25.23 5.56 -23.31
N THR A 324 -25.57 6.69 -22.69
CA THR A 324 -26.20 6.73 -21.37
C THR A 324 -27.42 5.82 -21.32
N ASN A 325 -27.45 4.94 -20.32
CA ASN A 325 -28.65 4.15 -20.01
C ASN A 325 -29.51 4.94 -19.03
N LEU A 326 -30.83 4.90 -19.25
CA LEU A 326 -31.78 5.59 -18.36
C LEU A 326 -32.25 4.59 -17.30
N LYS A 327 -31.46 4.49 -16.22
CA LYS A 327 -31.59 3.37 -15.28
C LYS A 327 -32.91 3.41 -14.50
N VAL A 328 -33.20 4.51 -13.79
CA VAL A 328 -34.44 4.52 -13.03
C VAL A 328 -35.65 4.47 -13.95
N TYR A 329 -35.57 5.11 -15.12
CA TYR A 329 -36.71 5.03 -16.03
C TYR A 329 -37.05 3.58 -16.32
N HIS A 330 -36.06 2.80 -16.77
CA HIS A 330 -36.36 1.44 -17.17
C HIS A 330 -36.61 0.50 -16.00
N ASP A 331 -35.97 0.73 -14.84
CA ASP A 331 -36.26 -0.07 -13.66
C ASP A 331 -37.68 0.15 -13.18
N ILE A 332 -38.12 1.41 -13.12
CA ILE A 332 -39.50 1.66 -12.72
C ILE A 332 -40.46 1.29 -13.85
N LYS A 333 -40.00 1.30 -15.10
CA LYS A 333 -40.88 1.01 -16.23
C LYS A 333 -41.24 -0.47 -16.28
N ASP A 334 -40.28 -1.35 -16.00
CA ASP A 334 -40.56 -2.79 -16.00
C ASP A 334 -41.54 -3.16 -14.88
N ILE A 335 -41.60 -2.39 -13.81
CA ILE A 335 -42.60 -2.60 -12.76
C ILE A 335 -43.93 -1.99 -13.11
N THR A 336 -43.93 -0.88 -13.83
CA THR A 336 -45.07 0.04 -13.89
C THR A 336 -44.88 0.98 -15.06
N ALA A 337 -45.76 0.91 -16.07
CA ALA A 337 -45.66 1.83 -17.18
C ALA A 337 -46.70 2.95 -17.13
N ARG A 338 -47.34 3.16 -15.98
CA ARG A 338 -48.27 4.27 -15.83
C ARG A 338 -47.54 5.61 -15.98
N LYS A 339 -48.12 6.54 -16.75
CA LYS A 339 -47.40 7.76 -17.05
C LYS A 339 -47.40 8.73 -15.86
N GLU A 340 -48.32 8.57 -14.91
CA GLU A 340 -48.28 9.45 -13.75
C GLU A 340 -47.14 9.09 -12.80
N ILE A 341 -46.55 7.91 -12.96
CA ILE A 341 -45.30 7.59 -12.31
C ILE A 341 -44.10 7.85 -13.21
N ILE A 342 -44.07 7.19 -14.37
CA ILE A 342 -42.91 7.14 -15.25
C ILE A 342 -42.53 8.49 -15.88
N GLU A 343 -43.47 9.44 -15.97
CA GLU A 343 -43.20 10.75 -16.56
C GLU A 343 -43.20 11.85 -15.52
N ASN A 344 -43.15 11.48 -14.25
CA ASN A 344 -42.92 12.42 -13.17
C ASN A 344 -41.42 12.38 -12.88
N ALA A 345 -40.68 13.32 -13.48
CA ALA A 345 -39.24 13.34 -13.30
C ALA A 345 -38.86 13.61 -11.85
N GLU A 346 -39.59 14.50 -11.18
CA GLU A 346 -39.32 14.79 -9.77
C GLU A 346 -39.52 13.56 -8.91
N LEU A 347 -40.54 12.75 -9.20
CA LEU A 347 -40.79 11.55 -8.43
C LEU A 347 -39.69 10.50 -8.67
N LEU A 348 -39.25 10.35 -9.92
CA LEU A 348 -38.19 9.39 -10.19
C LEU A 348 -36.89 9.79 -9.52
N ASP A 349 -36.60 11.10 -9.45
CA ASP A 349 -35.44 11.58 -8.70
C ASP A 349 -35.57 11.22 -7.22
N GLN A 350 -36.75 11.40 -6.63
CA GLN A 350 -36.94 11.04 -5.23
C GLN A 350 -36.79 9.54 -5.00
N ILE A 351 -37.30 8.72 -5.92
CA ILE A 351 -37.16 7.28 -5.78
C ILE A 351 -35.69 6.89 -5.83
N ALA A 352 -34.94 7.44 -6.79
CA ALA A 352 -33.53 7.12 -6.93
C ALA A 352 -32.73 7.59 -5.71
N LYS A 353 -33.05 8.75 -5.16
CA LYS A 353 -32.39 9.19 -3.94
C LYS A 353 -32.63 8.18 -2.81
N ILE A 354 -33.90 7.81 -2.55
CA ILE A 354 -34.22 6.86 -1.50
C ILE A 354 -33.56 5.51 -1.75
N LEU A 355 -33.50 5.06 -3.02
CA LEU A 355 -32.88 3.75 -3.28
C LEU A 355 -31.37 3.77 -3.04
N THR A 356 -30.74 4.94 -3.11
CA THR A 356 -29.30 5.05 -2.96
C THR A 356 -28.88 5.29 -1.51
N ILE A 357 -29.54 6.23 -0.85
CA ILE A 357 -29.24 6.53 0.55
C ILE A 357 -29.54 5.34 1.43
N TYR A 358 -30.77 4.85 1.41
CA TYR A 358 -31.16 3.79 2.32
C TYR A 358 -30.64 2.45 1.81
N GLN A 359 -30.38 1.55 2.74
CA GLN A 359 -29.57 0.37 2.46
C GLN A 359 -30.32 -0.94 2.66
N SER A 360 -31.60 -0.93 2.99
CA SER A 360 -32.34 -2.18 3.09
C SER A 360 -33.72 -2.01 2.49
N SER A 361 -34.30 -3.14 2.07
CA SER A 361 -35.63 -3.15 1.46
C SER A 361 -36.67 -2.51 2.39
N GLU A 362 -36.62 -2.82 3.68
CA GLU A 362 -37.67 -2.36 4.58
C GLU A 362 -37.60 -0.85 4.80
N ASP A 363 -36.39 -0.29 4.88
CA ASP A 363 -36.26 1.16 4.99
C ASP A 363 -36.61 1.88 3.69
N ILE A 364 -36.34 1.24 2.54
CA ILE A 364 -36.83 1.77 1.26
C ILE A 364 -38.34 1.91 1.29
N GLN A 365 -39.03 0.79 1.60
CA GLN A 365 -40.49 0.79 1.59
C GLN A 365 -41.07 1.82 2.55
N GLU A 366 -40.48 1.96 3.74
CA GLU A 366 -41.01 2.93 4.68
C GLU A 366 -40.87 4.35 4.14
N GLU A 367 -39.73 4.67 3.52
CA GLU A 367 -39.51 6.05 3.10
C GLU A 367 -40.19 6.35 1.76
N LEU A 368 -40.25 5.36 0.87
CA LEU A 368 -41.09 5.50 -0.31
C LEU A 368 -42.57 5.65 0.05
N THR A 369 -43.04 4.86 1.03
CA THR A 369 -44.41 5.02 1.50
C THR A 369 -44.64 6.43 2.07
N ASN A 370 -43.64 6.97 2.80
CA ASN A 370 -43.74 8.32 3.36
C ASN A 370 -43.71 9.42 2.31
N LEU A 371 -43.40 9.12 1.05
CA LEU A 371 -43.52 10.14 0.02
C LEU A 371 -44.98 10.52 -0.23
N ASN A 372 -45.92 9.60 -0.02
CA ASN A 372 -47.33 9.86 -0.27
C ASN A 372 -47.56 10.12 -1.77
N SER A 373 -46.94 9.28 -2.59
CA SER A 373 -47.09 9.34 -4.04
C SER A 373 -48.30 8.51 -4.48
N GLU A 374 -48.49 8.38 -5.79
CA GLU A 374 -49.50 7.50 -6.36
C GLU A 374 -48.95 6.11 -6.64
N LEU A 375 -47.84 5.76 -6.02
CA LEU A 375 -47.33 4.40 -6.09
C LEU A 375 -48.22 3.46 -5.29
N THR A 376 -48.45 2.26 -5.82
CA THR A 376 -49.15 1.24 -5.05
C THR A 376 -48.16 0.61 -4.06
N GLN A 377 -48.71 0.01 -3.01
CA GLN A 377 -47.88 -0.75 -2.09
C GLN A 377 -47.18 -1.91 -2.80
N GLU A 378 -47.87 -2.59 -3.71
CA GLU A 378 -47.24 -3.68 -4.44
C GLU A 378 -46.09 -3.20 -5.33
N GLU A 379 -46.16 -1.95 -5.83
CA GLU A 379 -45.07 -1.37 -6.62
C GLU A 379 -43.88 -1.01 -5.73
N ILE A 380 -44.16 -0.43 -4.56
CA ILE A 380 -43.11 -0.06 -3.62
C ILE A 380 -42.32 -1.28 -3.15
N GLU A 381 -43.01 -2.42 -3.00
CA GLU A 381 -42.28 -3.63 -2.61
C GLU A 381 -41.37 -4.13 -3.72
N GLN A 382 -41.74 -3.92 -4.97
CA GLN A 382 -40.87 -4.31 -6.07
C GLN A 382 -39.75 -3.29 -6.30
N ILE A 383 -40.02 -2.00 -6.07
CA ILE A 383 -38.97 -0.99 -6.20
C ILE A 383 -37.88 -1.23 -5.17
N SER A 384 -38.27 -1.65 -3.96
CA SER A 384 -37.34 -1.81 -2.85
C SER A 384 -36.34 -2.93 -3.09
N ASN A 385 -36.58 -3.80 -4.06
CA ASN A 385 -35.65 -4.88 -4.35
C ASN A 385 -34.78 -4.63 -5.57
N LEU A 386 -34.80 -3.42 -6.12
CA LEU A 386 -33.93 -3.09 -7.24
C LEU A 386 -32.47 -3.03 -6.77
N LYS A 387 -31.56 -3.26 -7.70
CA LYS A 387 -30.14 -3.38 -7.39
C LYS A 387 -29.37 -2.32 -8.16
N GLY A 388 -28.16 -2.02 -7.70
CA GLY A 388 -27.29 -1.09 -8.40
C GLY A 388 -27.39 0.38 -8.01
N TYR A 389 -28.27 0.76 -7.09
CA TYR A 389 -28.43 2.16 -6.72
C TYR A 389 -27.38 2.56 -5.68
N THR A 390 -26.18 2.84 -6.18
CA THR A 390 -24.99 3.06 -5.36
C THR A 390 -24.23 4.24 -5.95
N GLY A 391 -23.74 5.14 -5.11
CA GLY A 391 -22.80 6.15 -5.56
C GLY A 391 -23.46 7.47 -5.94
N THR A 392 -22.60 8.42 -6.29
CA THR A 392 -22.98 9.79 -6.57
C THR A 392 -22.57 10.20 -7.98
N HIS A 393 -23.30 11.16 -8.51
CA HIS A 393 -22.90 11.96 -9.64
C HIS A 393 -21.98 13.06 -9.15
N ASN A 394 -21.10 13.56 -10.01
CA ASN A 394 -20.19 14.59 -9.51
C ASN A 394 -20.85 15.96 -9.42
N LEU A 395 -22.07 16.15 -9.93
CA LEU A 395 -22.79 17.41 -9.83
C LEU A 395 -24.02 17.30 -8.94
N SER A 396 -24.41 18.43 -8.35
CA SER A 396 -25.69 18.52 -7.67
C SER A 396 -26.85 18.53 -8.68
N LEU A 397 -28.05 18.26 -8.17
CA LEU A 397 -29.25 18.47 -8.98
C LEU A 397 -29.47 19.94 -9.28
N LYS A 398 -29.01 20.84 -8.41
CA LYS A 398 -29.13 22.27 -8.70
C LYS A 398 -28.42 22.61 -10.00
N ALA A 399 -27.17 22.17 -10.15
CA ALA A 399 -26.43 22.41 -11.38
C ALA A 399 -27.08 21.74 -12.57
N ILE A 400 -27.53 20.49 -12.41
CA ILE A 400 -28.13 19.77 -13.52
C ILE A 400 -29.41 20.47 -13.98
N ASN A 401 -30.33 20.72 -13.05
CA ASN A 401 -31.60 21.37 -13.39
C ASN A 401 -31.40 22.83 -13.81
N LEU A 402 -30.25 23.42 -13.50
CA LEU A 402 -29.99 24.79 -13.94
C LEU A 402 -29.73 24.86 -15.44
N ILE A 403 -29.03 23.87 -15.98
CA ILE A 403 -28.53 23.91 -17.35
C ILE A 403 -29.26 22.93 -18.26
N LEU A 404 -30.29 22.23 -17.75
CA LEU A 404 -30.93 21.19 -18.55
C LEU A 404 -31.67 21.79 -19.74
N ASP A 405 -32.35 22.93 -19.56
CA ASP A 405 -33.05 23.58 -20.67
C ASP A 405 -32.08 23.98 -21.78
N GLU A 406 -30.87 24.42 -21.42
CA GLU A 406 -29.89 24.78 -22.43
C GLU A 406 -29.21 23.56 -23.04
N LEU A 407 -29.18 22.43 -22.33
CA LEU A 407 -28.80 21.19 -23.00
C LEU A 407 -29.84 20.77 -24.03
N TRP A 408 -31.13 21.04 -23.75
CA TRP A 408 -32.16 20.68 -24.72
C TRP A 408 -32.07 21.54 -25.99
N HIS A 409 -31.95 22.88 -25.84
CA HIS A 409 -32.22 23.75 -26.98
C HIS A 409 -31.00 24.40 -27.56
N THR A 410 -29.85 24.08 -27.04
CA THR A 410 -28.59 24.35 -27.70
C THR A 410 -27.86 23.03 -27.94
N ASN A 411 -26.75 23.13 -28.67
CA ASN A 411 -25.88 21.98 -28.89
C ASN A 411 -24.66 22.04 -27.99
N ASP A 412 -24.57 23.03 -27.11
CA ASP A 412 -23.44 23.15 -26.19
C ASP A 412 -23.44 22.02 -25.17
N ASN A 413 -22.26 21.53 -24.83
CA ASN A 413 -22.19 20.54 -23.76
C ASN A 413 -22.09 21.29 -22.44
N GLN A 414 -21.86 20.54 -21.35
CA GLN A 414 -21.96 21.12 -20.01
C GLN A 414 -20.87 22.16 -19.75
N ILE A 415 -19.64 21.90 -20.19
CA ILE A 415 -18.58 22.84 -19.85
C ILE A 415 -18.76 24.18 -20.57
N ALA A 416 -19.28 24.16 -21.80
CA ALA A 416 -19.57 25.41 -22.48
C ALA A 416 -20.67 26.20 -21.79
N ILE A 417 -21.70 25.51 -21.26
CA ILE A 417 -22.82 26.21 -20.62
C ILE A 417 -22.39 26.80 -19.29
N PHE A 418 -21.62 26.04 -18.50
CA PHE A 418 -21.06 26.59 -17.27
C PHE A 418 -20.06 27.69 -17.56
N ASN A 419 -19.40 27.64 -18.72
CA ASN A 419 -18.56 28.76 -19.13
C ASN A 419 -19.40 30.01 -19.39
N ARG A 420 -20.45 29.88 -20.22
CA ARG A 420 -21.31 31.02 -20.53
C ARG A 420 -21.97 31.61 -19.28
N LEU A 421 -22.28 30.77 -18.28
CA LEU A 421 -22.89 31.22 -17.04
C LEU A 421 -21.87 31.77 -16.04
N LYS A 422 -20.57 31.71 -16.39
CA LYS A 422 -19.49 32.19 -15.52
C LYS A 422 -19.48 31.45 -14.18
N LEU A 423 -19.73 30.15 -14.24
CA LEU A 423 -19.65 29.27 -13.09
C LEU A 423 -18.30 28.55 -13.11
N VAL A 424 -17.55 28.66 -12.01
CA VAL A 424 -16.19 28.14 -11.93
C VAL A 424 -16.11 27.19 -10.74
N PRO A 425 -15.30 26.12 -10.81
CA PRO A 425 -15.10 25.27 -9.62
C PRO A 425 -14.53 26.07 -8.44
N LYS A 426 -14.75 25.56 -7.23
CA LYS A 426 -14.42 26.30 -6.01
C LYS A 426 -12.91 26.40 -5.79
N LYS A 427 -12.46 27.60 -5.41
CA LYS A 427 -11.07 27.89 -5.04
C LYS A 427 -11.05 28.36 -3.59
N VAL A 428 -10.16 27.78 -2.79
CA VAL A 428 -10.14 28.10 -1.35
C VAL A 428 -9.41 29.41 -1.13
N ASP A 429 -10.06 30.32 -0.38
CA ASP A 429 -9.57 31.66 -0.07
C ASP A 429 -8.36 31.57 0.87
N LEU A 430 -7.29 32.33 0.56
CA LEU A 430 -6.03 32.34 1.33
C LEU A 430 -5.58 33.79 1.52
N SER A 431 -6.28 34.57 2.36
CA SER A 431 -6.07 36.01 2.37
C SER A 431 -5.36 36.50 3.63
N GLN A 432 -5.98 36.35 4.79
CA GLN A 432 -5.45 36.92 6.02
C GLN A 432 -4.56 35.90 6.74
N GLN A 433 -3.49 35.50 6.05
CA GLN A 433 -2.58 34.48 6.58
C GLN A 433 -1.14 34.97 6.53
N LYS A 434 -0.52 35.09 7.71
CA LYS A 434 0.87 35.55 7.83
C LYS A 434 1.88 34.51 7.37
N GLU A 435 1.50 33.23 7.27
CA GLU A 435 2.38 32.19 6.79
C GLU A 435 1.54 31.10 6.13
N ILE A 436 2.21 30.19 5.44
CA ILE A 436 1.56 29.06 4.78
C ILE A 436 0.93 28.19 5.86
N PRO A 437 -0.39 27.97 5.82
CA PRO A 437 -1.03 27.08 6.79
C PRO A 437 -0.97 25.63 6.35
N THR A 438 -0.80 24.75 7.34
CA THR A 438 -0.76 23.31 7.09
C THR A 438 -2.14 22.71 6.80
N THR A 439 -3.22 23.46 7.03
CA THR A 439 -4.55 22.88 6.98
C THR A 439 -5.02 22.63 5.55
N LEU A 440 -4.50 23.38 4.57
CA LEU A 440 -4.91 23.12 3.18
C LEU A 440 -4.30 21.81 2.64
N VAL A 441 -3.37 21.20 3.39
CA VAL A 441 -2.94 19.85 3.05
C VAL A 441 -4.10 18.87 3.20
N ASP A 442 -4.99 19.11 4.17
CA ASP A 442 -5.98 18.12 4.58
C ASP A 442 -6.97 17.74 3.47
N ASP A 443 -7.29 18.67 2.55
CA ASP A 443 -8.28 18.47 1.50
C ASP A 443 -7.83 17.45 0.45
N PHE A 444 -6.75 17.77 -0.29
CA PHE A 444 -6.46 17.16 -1.59
C PHE A 444 -5.62 15.89 -1.49
N ILE A 445 -4.77 15.79 -0.46
CA ILE A 445 -3.86 14.66 -0.35
C ILE A 445 -4.64 13.42 0.08
N LEU A 446 -4.08 12.25 -0.24
CA LEU A 446 -4.66 10.98 0.18
C LEU A 446 -3.72 10.14 1.03
N SER A 447 -2.48 10.04 0.66
CA SER A 447 -1.65 9.12 1.42
C SER A 447 -1.18 9.78 2.71
N PRO A 448 -1.24 9.07 3.85
CA PRO A 448 -0.75 9.65 5.10
C PRO A 448 0.75 9.91 5.09
N VAL A 449 1.53 9.13 4.33
CA VAL A 449 2.99 9.35 4.31
C VAL A 449 3.30 10.67 3.62
N VAL A 450 2.73 10.86 2.42
CA VAL A 450 2.90 12.12 1.69
C VAL A 450 2.36 13.29 2.51
N LYS A 451 1.29 13.05 3.30
CA LYS A 451 0.68 14.14 4.05
C LYS A 451 1.59 14.61 5.18
N ARG A 452 2.18 13.68 5.92
CA ARG A 452 3.13 14.10 6.96
C ARG A 452 4.32 14.82 6.33
N SER A 453 4.87 14.26 5.25
CA SER A 453 5.99 14.90 4.57
C SER A 453 5.63 16.31 4.11
N PHE A 454 4.41 16.50 3.62
CA PHE A 454 4.01 17.81 3.15
C PHE A 454 3.88 18.80 4.29
N ILE A 455 3.24 18.38 5.39
CA ILE A 455 3.14 19.22 6.57
C ILE A 455 4.53 19.62 7.07
N GLN A 456 5.48 18.66 7.08
CA GLN A 456 6.82 19.01 7.55
C GLN A 456 7.52 19.92 6.54
N SER A 457 7.28 19.71 5.24
CA SER A 457 7.86 20.57 4.21
C SER A 457 7.36 22.01 4.31
N ILE A 458 6.08 22.19 4.64
CA ILE A 458 5.52 23.52 4.77
C ILE A 458 6.09 24.23 5.98
N LYS A 459 6.19 23.52 7.12
CA LYS A 459 6.78 24.11 8.30
C LYS A 459 8.24 24.48 8.08
N VAL A 460 8.98 23.69 7.28
CA VAL A 460 10.36 24.01 6.95
C VAL A 460 10.42 25.28 6.10
N ILE A 461 9.57 25.37 5.07
CA ILE A 461 9.50 26.58 4.25
C ILE A 461 9.15 27.79 5.10
N ASN A 462 8.16 27.65 6.00
CA ASN A 462 7.80 28.81 6.82
C ASN A 462 8.96 29.23 7.72
N ALA A 463 9.69 28.26 8.27
CA ALA A 463 10.83 28.64 9.09
C ALA A 463 11.94 29.26 8.25
N ILE A 464 12.08 28.86 6.99
CA ILE A 464 13.13 29.44 6.15
C ILE A 464 12.77 30.87 5.76
N ILE A 465 11.51 31.12 5.39
CA ILE A 465 11.08 32.48 5.10
C ILE A 465 11.17 33.35 6.32
N LYS A 466 10.91 32.80 7.50
CA LYS A 466 11.00 33.54 8.75
C LYS A 466 12.43 33.89 9.12
N LYS A 467 13.40 33.02 8.81
CA LYS A 467 14.79 33.29 9.16
C LYS A 467 15.52 34.07 8.08
N TYR A 468 15.46 33.58 6.83
CA TYR A 468 16.25 34.15 5.74
C TYR A 468 15.47 35.12 4.87
N GLY A 469 14.19 35.30 5.10
CA GLY A 469 13.39 36.11 4.20
C GLY A 469 12.87 35.32 3.02
N LEU A 470 12.19 36.03 2.12
CA LEU A 470 11.53 35.39 0.99
C LEU A 470 12.54 34.90 -0.04
N PRO A 471 12.40 33.68 -0.54
CA PRO A 471 13.26 33.23 -1.63
C PRO A 471 12.75 33.77 -2.96
N ASN A 472 13.66 33.82 -3.95
CA ASN A 472 13.26 34.11 -5.32
C ASN A 472 12.81 32.88 -6.07
N ASP A 473 13.26 31.70 -5.66
CA ASP A 473 12.91 30.46 -6.34
C ASP A 473 12.88 29.35 -5.30
N ILE A 474 11.78 28.60 -5.27
CA ILE A 474 11.68 27.36 -4.51
C ILE A 474 11.59 26.23 -5.52
N ILE A 475 12.51 25.26 -5.41
CA ILE A 475 12.57 24.11 -6.30
C ILE A 475 12.47 22.82 -5.50
N ILE A 476 11.54 21.95 -5.89
CA ILE A 476 11.09 20.85 -5.06
C ILE A 476 11.24 19.54 -5.81
N GLU A 477 11.75 18.51 -5.13
CA GLU A 477 11.72 17.14 -5.63
C GLU A 477 11.06 16.25 -4.59
N LEU A 478 10.02 15.53 -5.01
CA LEU A 478 9.41 14.49 -4.19
C LEU A 478 10.00 13.13 -4.52
N ALA A 479 10.18 12.30 -3.50
CA ALA A 479 10.69 10.96 -3.71
C ALA A 479 9.64 10.09 -4.38
N ARG A 480 10.09 8.94 -4.88
CA ARG A 480 9.34 8.12 -5.82
C ARG A 480 9.54 6.64 -5.48
N GLU A 481 9.11 5.77 -6.40
CA GLU A 481 9.62 4.46 -6.79
C GLU A 481 9.26 3.38 -5.81
N LYS A 482 8.70 3.74 -4.66
CA LYS A 482 7.80 2.97 -3.79
C LYS A 482 7.81 3.71 -2.46
N ASN A 483 6.89 3.36 -1.59
CA ASN A 483 7.06 3.60 -0.17
C ASN A 483 7.47 2.26 0.46
N SER A 484 7.57 2.24 1.79
CA SER A 484 7.79 1.00 2.50
C SER A 484 6.48 0.41 3.03
N LYS A 485 5.33 0.90 2.55
CA LYS A 485 4.00 0.39 2.89
C LYS A 485 3.45 -0.58 1.84
N ASP A 486 3.23 -0.11 0.61
CA ASP A 486 2.92 -1.00 -0.52
C ASP A 486 4.01 -2.05 -0.75
N ALA A 487 5.28 -1.67 -0.49
CA ALA A 487 6.35 -2.62 -0.20
C ALA A 487 5.86 -3.87 0.53
N GLN A 488 5.34 -3.72 1.76
CA GLN A 488 4.88 -4.85 2.58
C GLN A 488 3.64 -5.50 1.98
N LYS A 489 2.86 -4.74 1.19
CA LYS A 489 1.68 -5.30 0.52
C LYS A 489 2.06 -6.27 -0.60
N MET A 490 3.29 -6.20 -1.11
CA MET A 490 3.81 -7.23 -2.00
C MET A 490 4.38 -8.42 -1.24
N ILE A 491 4.75 -8.21 0.04
CA ILE A 491 5.11 -9.29 0.95
C ILE A 491 3.88 -9.99 1.52
N ASN A 492 2.69 -9.41 1.34
CA ASN A 492 1.42 -10.01 1.74
C ASN A 492 0.60 -10.53 0.57
N GLU A 493 0.56 -9.78 -0.55
CA GLU A 493 -0.28 -10.16 -1.68
C GLU A 493 0.33 -11.32 -2.45
N MET A 494 1.57 -11.16 -2.90
CA MET A 494 2.48 -12.25 -3.25
C MET A 494 2.16 -12.93 -4.59
N GLN A 495 0.88 -12.97 -5.00
CA GLN A 495 0.44 -13.41 -6.33
C GLN A 495 -1.09 -13.39 -6.40
N LYS A 496 -1.62 -13.71 -7.56
CA LYS A 496 -3.04 -14.07 -7.67
C LYS A 496 -3.23 -15.57 -7.50
N ARG A 497 -2.45 -16.37 -8.25
CA ARG A 497 -2.47 -17.83 -8.14
C ARG A 497 -1.74 -18.23 -6.87
N ASN A 498 -2.48 -18.18 -5.76
CA ASN A 498 -1.88 -18.08 -4.43
C ASN A 498 -1.15 -19.38 -4.03
N ARG A 499 -1.90 -20.47 -3.83
CA ARG A 499 -1.44 -21.60 -3.02
C ARG A 499 -0.14 -22.32 -3.38
N GLN A 500 -0.06 -22.98 -4.51
CA GLN A 500 1.01 -23.95 -4.77
C GLN A 500 2.31 -23.20 -5.03
N THR A 501 2.24 -22.03 -5.67
CA THR A 501 3.43 -21.21 -5.88
C THR A 501 3.82 -20.44 -4.61
N ASN A 502 2.85 -19.79 -3.96
CA ASN A 502 3.19 -18.91 -2.84
C ASN A 502 3.60 -19.66 -1.58
N GLU A 503 3.32 -20.97 -1.47
CA GLU A 503 3.91 -21.73 -0.36
C GLU A 503 5.42 -21.90 -0.51
N ARG A 504 5.96 -21.74 -1.73
CA ARG A 504 7.40 -21.87 -1.89
C ARG A 504 8.12 -20.54 -2.06
N ILE A 505 7.49 -19.49 -2.60
CA ILE A 505 8.13 -18.18 -2.53
C ILE A 505 8.13 -17.69 -1.08
N GLU A 506 7.07 -18.02 -0.29
CA GLU A 506 7.05 -17.63 1.13
C GLU A 506 8.23 -18.23 1.89
N GLU A 507 8.66 -19.42 1.49
CA GLU A 507 9.81 -20.06 2.12
C GLU A 507 11.12 -19.51 1.59
N ILE A 508 11.15 -19.11 0.32
CA ILE A 508 12.33 -18.45 -0.23
C ILE A 508 12.46 -17.01 0.30
N ILE A 509 11.36 -16.26 0.37
CA ILE A 509 11.45 -14.88 0.85
C ILE A 509 11.76 -14.80 2.34
N ARG A 510 11.30 -15.77 3.13
CA ARG A 510 11.52 -15.70 4.58
C ARG A 510 12.95 -16.06 4.93
N THR A 511 13.49 -17.12 4.28
CA THR A 511 14.91 -17.41 4.34
C THR A 511 15.74 -16.19 3.97
N THR A 512 15.34 -15.48 2.93
CA THR A 512 16.13 -14.37 2.39
C THR A 512 16.05 -13.16 3.30
N GLY A 513 17.21 -12.51 3.50
CA GLY A 513 17.26 -11.31 4.31
C GLY A 513 16.43 -10.18 3.73
N LYS A 514 16.00 -9.27 4.62
CA LYS A 514 15.04 -8.22 4.24
C LYS A 514 15.68 -7.11 3.39
N GLU A 515 17.00 -6.96 3.42
CA GLU A 515 17.64 -5.88 2.66
C GLU A 515 17.65 -6.19 1.16
N ASN A 516 18.32 -7.27 0.77
CA ASN A 516 18.48 -7.65 -0.64
C ASN A 516 17.37 -8.61 -1.09
N ALA A 517 16.12 -8.24 -0.85
CA ALA A 517 15.01 -9.11 -1.24
C ALA A 517 13.86 -8.34 -1.88
N LYS A 518 13.90 -7.01 -1.87
CA LYS A 518 12.98 -6.22 -2.68
C LYS A 518 13.25 -6.36 -4.16
N TYR A 519 14.52 -6.55 -4.52
CA TYR A 519 14.86 -6.76 -5.91
C TYR A 519 14.19 -8.01 -6.45
N LEU A 520 14.14 -9.06 -5.65
CA LEU A 520 13.59 -10.32 -6.14
C LEU A 520 12.08 -10.20 -6.34
N ILE A 521 11.36 -9.57 -5.40
CA ILE A 521 9.92 -9.39 -5.60
C ILE A 521 9.61 -8.46 -6.77
N GLU A 522 10.52 -7.53 -7.12
CA GLU A 522 10.30 -6.70 -8.29
C GLU A 522 10.49 -7.49 -9.57
N LYS A 523 11.48 -8.39 -9.59
CA LYS A 523 11.61 -9.31 -10.72
C LYS A 523 10.43 -10.25 -10.84
N ILE A 524 9.79 -10.64 -9.71
CA ILE A 524 8.56 -11.41 -9.80
C ILE A 524 7.43 -10.55 -10.38
N LYS A 525 7.32 -9.31 -9.93
CA LYS A 525 6.28 -8.46 -10.48
C LYS A 525 6.47 -8.35 -11.99
N LEU A 526 7.69 -8.08 -12.44
CA LEU A 526 7.96 -7.97 -13.87
C LEU A 526 7.79 -9.31 -14.57
N HIS A 527 8.10 -10.40 -13.89
CA HIS A 527 7.90 -11.73 -14.47
C HIS A 527 6.42 -11.96 -14.77
N ASP A 528 5.53 -11.59 -13.85
CA ASP A 528 4.10 -11.79 -14.07
C ASP A 528 3.55 -10.86 -15.15
N MET A 529 4.02 -9.62 -15.24
CA MET A 529 3.48 -8.72 -16.26
C MET A 529 4.03 -9.03 -17.65
N GLN A 530 5.16 -9.72 -17.72
CA GLN A 530 5.71 -10.17 -18.99
C GLN A 530 5.33 -11.61 -19.31
N GLU A 531 4.44 -12.22 -18.51
CA GLU A 531 3.91 -13.56 -18.78
C GLU A 531 5.03 -14.61 -18.80
N GLY A 532 6.01 -14.42 -17.91
CA GLY A 532 7.12 -15.34 -17.82
C GLY A 532 8.06 -15.36 -19.00
N LYS A 533 8.13 -14.27 -19.77
CA LYS A 533 8.96 -14.21 -20.98
C LYS A 533 10.03 -13.15 -20.84
N CYS A 534 11.27 -13.51 -21.18
CA CYS A 534 12.30 -12.52 -21.46
C CYS A 534 11.91 -11.74 -22.70
N LEU A 535 11.87 -10.40 -22.59
CA LEU A 535 11.32 -9.62 -23.70
C LEU A 535 12.30 -9.39 -24.84
N TYR A 536 13.59 -9.70 -24.66
CA TYR A 536 14.59 -9.51 -25.69
C TYR A 536 14.92 -10.78 -26.45
N SER A 537 14.58 -11.95 -25.89
CA SER A 537 14.71 -13.21 -26.59
C SER A 537 13.39 -13.94 -26.80
N LEU A 538 12.32 -13.52 -26.12
CA LEU A 538 11.01 -14.19 -26.20
C LEU A 538 11.10 -15.66 -25.84
N GLU A 539 12.06 -16.00 -24.99
CA GLU A 539 12.23 -17.32 -24.41
C GLU A 539 11.64 -17.34 -23.00
N ALA A 540 11.14 -18.49 -22.60
CA ALA A 540 10.44 -18.61 -21.33
C ALA A 540 11.44 -18.55 -20.16
N ILE A 541 11.02 -17.88 -19.10
CA ILE A 541 11.77 -17.84 -17.83
C ILE A 541 11.03 -18.69 -16.84
N PRO A 542 11.58 -19.82 -16.38
CA PRO A 542 10.91 -20.63 -15.35
C PRO A 542 10.89 -19.91 -14.01
N LEU A 543 9.72 -19.89 -13.38
CA LEU A 543 9.62 -19.29 -12.04
C LEU A 543 10.64 -19.90 -11.09
N GLU A 544 10.73 -21.24 -11.08
CA GLU A 544 11.58 -21.94 -10.12
C GLU A 544 13.05 -21.54 -10.28
N ASP A 545 13.51 -21.45 -11.53
CA ASP A 545 14.87 -21.00 -11.79
C ASP A 545 15.07 -19.53 -11.39
N LEU A 546 14.01 -18.72 -11.49
CA LEU A 546 14.10 -17.33 -11.07
C LEU A 546 14.27 -17.24 -9.56
N LEU A 547 13.75 -18.22 -8.83
CA LEU A 547 13.85 -18.20 -7.37
C LEU A 547 15.15 -18.80 -6.87
N ASN A 548 15.56 -19.95 -7.41
CA ASN A 548 16.84 -20.52 -6.99
C ASN A 548 18.02 -19.71 -7.52
N ASN A 549 17.91 -19.18 -8.74
CA ASN A 549 18.98 -18.43 -9.39
C ASN A 549 18.46 -17.08 -9.87
N PRO A 550 18.29 -16.12 -8.96
CA PRO A 550 17.75 -14.81 -9.35
C PRO A 550 18.78 -13.93 -10.06
N PHE A 551 20.06 -14.16 -9.77
CA PHE A 551 21.15 -13.39 -10.37
C PHE A 551 21.50 -13.88 -11.77
N ASN A 552 20.74 -14.82 -12.32
CA ASN A 552 20.82 -15.22 -13.73
C ASN A 552 19.85 -14.44 -14.61
N TYR A 553 19.05 -13.57 -14.00
CA TYR A 553 18.05 -12.77 -14.67
C TYR A 553 18.17 -11.34 -14.16
N GLU A 554 18.34 -10.39 -15.08
CA GLU A 554 18.60 -9.02 -14.68
C GLU A 554 17.44 -8.12 -15.05
N VAL A 555 17.26 -7.05 -14.27
CA VAL A 555 16.27 -6.03 -14.61
C VAL A 555 17.01 -4.96 -15.40
N ASP A 556 16.66 -4.83 -16.68
CA ASP A 556 17.33 -3.93 -17.62
C ASP A 556 16.50 -2.66 -17.75
N HIS A 557 17.19 -1.53 -17.83
CA HIS A 557 16.53 -0.29 -18.16
C HIS A 557 16.36 -0.21 -19.67
N ILE A 558 15.12 0.01 -20.12
CA ILE A 558 14.83 0.01 -21.55
C ILE A 558 15.62 1.11 -22.24
N ILE A 559 15.35 2.36 -21.88
CA ILE A 559 16.18 3.49 -22.29
C ILE A 559 17.24 3.66 -21.21
N PRO A 560 18.53 3.76 -21.54
CA PRO A 560 19.54 3.81 -20.49
C PRO A 560 19.39 5.03 -19.59
N ARG A 561 19.89 4.86 -18.37
CA ARG A 561 19.88 5.90 -17.35
C ARG A 561 20.71 7.11 -17.75
N SER A 562 21.64 6.95 -18.69
CA SER A 562 22.49 8.07 -19.09
C SER A 562 21.71 9.10 -19.86
N VAL A 563 20.52 8.74 -20.34
CA VAL A 563 19.70 9.63 -21.15
C VAL A 563 18.27 9.78 -20.64
N SER A 564 17.74 8.80 -19.91
CA SER A 564 16.33 8.74 -19.56
C SER A 564 16.01 9.32 -18.19
N PHE A 565 16.73 8.94 -17.14
CA PHE A 565 16.44 9.37 -15.77
C PHE A 565 15.04 8.95 -15.32
N ASP A 566 14.62 7.74 -15.72
CA ASP A 566 13.36 7.15 -15.30
C ASP A 566 13.64 5.82 -14.62
N ASN A 567 13.26 5.72 -13.34
CA ASN A 567 13.50 4.50 -12.57
C ASN A 567 12.19 3.88 -12.08
N SER A 568 11.14 3.96 -12.89
CA SER A 568 9.85 3.36 -12.58
C SER A 568 9.72 2.02 -13.30
N PHE A 569 8.56 1.40 -13.17
CA PHE A 569 8.28 0.15 -13.88
C PHE A 569 8.09 0.37 -15.38
N ASN A 570 7.93 1.62 -15.81
CA ASN A 570 7.74 1.89 -17.23
C ASN A 570 9.04 1.90 -18.00
N ASN A 571 10.17 1.83 -17.32
CA ASN A 571 11.48 1.79 -17.94
C ASN A 571 12.23 0.50 -17.64
N LYS A 572 11.63 -0.43 -16.91
CA LYS A 572 12.35 -1.61 -16.48
C LYS A 572 11.66 -2.85 -17.03
N VAL A 573 12.47 -3.84 -17.43
CA VAL A 573 12.02 -5.13 -17.93
C VAL A 573 12.87 -6.22 -17.30
N LEU A 574 12.32 -7.44 -17.26
CA LEU A 574 13.04 -8.60 -16.79
C LEU A 574 13.51 -9.39 -18.01
N VAL A 575 14.83 -9.60 -18.11
CA VAL A 575 15.43 -10.34 -19.21
C VAL A 575 16.55 -11.22 -18.67
N LYS A 576 17.02 -12.13 -19.52
CA LYS A 576 18.15 -12.97 -19.17
C LYS A 576 19.42 -12.14 -19.00
N GLN A 577 20.35 -12.67 -18.20
CA GLN A 577 21.59 -11.96 -17.91
C GLN A 577 22.39 -11.69 -19.18
N GLU A 578 22.45 -12.67 -20.10
CA GLU A 578 23.26 -12.49 -21.29
C GLU A 578 22.61 -11.54 -22.30
N GLU A 579 21.29 -11.44 -22.29
CA GLU A 579 20.61 -10.48 -23.15
C GLU A 579 20.85 -9.04 -22.68
N ALA A 580 20.77 -8.80 -21.37
CA ALA A 580 21.10 -7.47 -20.86
C ALA A 580 22.58 -7.14 -21.07
N SER A 581 23.45 -8.15 -21.02
CA SER A 581 24.89 -7.90 -21.22
C SER A 581 25.18 -7.54 -22.67
N LYS A 582 24.56 -8.25 -23.62
CA LYS A 582 24.81 -7.97 -25.03
C LYS A 582 24.14 -6.67 -25.47
N LYS A 583 23.04 -6.30 -24.83
CA LYS A 583 22.38 -5.04 -25.15
C LYS A 583 23.28 -3.86 -24.83
N GLY A 584 23.79 -3.79 -23.60
CA GLY A 584 24.71 -2.71 -23.25
C GLY A 584 24.00 -1.37 -23.17
N ASN A 585 24.64 -0.35 -23.74
CA ASN A 585 24.18 1.03 -23.67
C ASN A 585 23.19 1.38 -24.78
N ARG A 586 22.42 0.43 -25.29
CA ARG A 586 21.60 0.64 -26.47
C ARG A 586 20.12 0.62 -26.10
N THR A 587 19.29 1.13 -27.02
CA THR A 587 17.87 0.87 -26.99
C THR A 587 17.59 -0.54 -27.50
N PRO A 588 16.39 -1.06 -27.27
CA PRO A 588 16.02 -2.33 -27.93
C PRO A 588 16.07 -2.25 -29.45
N PHE A 589 15.69 -1.11 -30.04
CA PHE A 589 15.78 -0.97 -31.49
C PHE A 589 17.23 -1.12 -31.96
N GLN A 590 18.16 -0.42 -31.33
CA GLN A 590 19.56 -0.52 -31.70
C GLN A 590 20.11 -1.93 -31.46
N TYR A 591 19.68 -2.57 -30.37
CA TYR A 591 20.23 -3.88 -30.04
C TYR A 591 19.70 -4.96 -30.98
N LEU A 592 18.39 -5.02 -31.16
CA LEU A 592 17.78 -6.08 -31.93
C LEU A 592 18.03 -5.96 -33.43
N SER A 593 18.35 -4.76 -33.92
CA SER A 593 18.72 -4.58 -35.32
C SER A 593 20.16 -5.00 -35.61
N SER A 594 20.97 -5.27 -34.59
CA SER A 594 22.36 -5.65 -34.82
C SER A 594 22.42 -7.14 -35.09
N SER A 595 23.65 -7.66 -35.11
CA SER A 595 23.89 -9.09 -35.27
C SER A 595 24.01 -9.81 -33.94
N ASP A 596 23.81 -9.12 -32.82
CA ASP A 596 23.92 -9.72 -31.51
C ASP A 596 22.60 -10.29 -31.00
N SER A 597 21.50 -10.04 -31.66
CA SER A 597 20.19 -10.44 -31.14
C SER A 597 19.80 -11.83 -31.61
N LYS A 598 18.88 -12.45 -30.85
CA LYS A 598 18.28 -13.72 -31.22
C LYS A 598 16.91 -13.59 -31.86
N ILE A 599 16.28 -12.43 -31.77
CA ILE A 599 15.02 -12.15 -32.47
C ILE A 599 15.19 -10.85 -33.24
N SER A 600 14.32 -10.66 -34.24
CA SER A 600 14.29 -9.46 -35.04
C SER A 600 13.49 -8.37 -34.36
N TYR A 601 13.73 -7.11 -34.76
CA TYR A 601 12.96 -6.01 -34.20
C TYR A 601 11.48 -6.10 -34.57
N GLU A 602 11.17 -6.65 -35.74
CA GLU A 602 9.77 -6.72 -36.14
C GLU A 602 9.00 -7.74 -35.31
N THR A 603 9.60 -8.92 -35.07
CA THR A 603 9.04 -9.89 -34.14
C THR A 603 8.84 -9.27 -32.75
N PHE A 604 9.87 -8.58 -32.26
CA PHE A 604 9.78 -7.89 -30.98
C PHE A 604 8.65 -6.86 -30.98
N LYS A 605 8.53 -6.09 -32.07
CA LYS A 605 7.51 -5.05 -32.12
C LYS A 605 6.11 -5.64 -32.19
N LYS A 606 5.95 -6.79 -32.84
CA LYS A 606 4.63 -7.42 -32.89
C LYS A 606 4.26 -7.99 -31.53
N HIS A 607 5.20 -8.65 -30.86
CA HIS A 607 4.92 -9.17 -29.54
C HIS A 607 4.64 -8.06 -28.53
N ILE A 608 5.26 -6.89 -28.70
CA ILE A 608 5.01 -5.78 -27.78
C ILE A 608 3.66 -5.14 -28.09
N LEU A 609 3.32 -4.97 -29.36
CA LEU A 609 2.05 -4.34 -29.73
C LEU A 609 0.84 -5.23 -29.45
N ASN A 610 1.02 -6.55 -29.39
CA ASN A 610 -0.09 -7.40 -28.99
C ASN A 610 -0.29 -7.37 -27.47
N LEU A 611 0.81 -7.31 -26.72
CA LEU A 611 0.73 -7.09 -25.29
C LEU A 611 0.32 -5.66 -24.93
N ALA A 612 0.45 -4.71 -25.86
CA ALA A 612 0.01 -3.35 -25.61
C ALA A 612 -1.51 -3.24 -25.48
N LYS A 613 -2.27 -4.21 -26.02
CA LYS A 613 -3.71 -4.22 -26.01
C LYS A 613 -4.21 -4.96 -24.76
N GLY A 614 -5.54 -5.05 -24.64
CA GLY A 614 -6.16 -5.95 -23.67
C GLY A 614 -6.27 -5.37 -22.28
N LYS A 615 -6.76 -6.22 -21.37
CA LYS A 615 -6.94 -5.89 -19.96
C LYS A 615 -5.65 -6.17 -19.17
N GLY A 616 -5.33 -5.26 -18.26
CA GLY A 616 -4.03 -5.34 -17.61
C GLY A 616 -2.88 -5.13 -18.58
N ARG A 617 -3.07 -4.25 -19.56
CA ARG A 617 -2.13 -4.07 -20.66
C ARG A 617 -0.84 -3.42 -20.18
N ILE A 618 0.16 -3.45 -21.06
CA ILE A 618 1.41 -2.74 -20.82
C ILE A 618 1.21 -1.26 -21.12
N SER A 619 2.00 -0.42 -20.46
CA SER A 619 1.71 1.00 -20.45
C SER A 619 2.04 1.68 -21.78
N LYS A 620 1.47 2.87 -21.98
CA LYS A 620 1.76 3.62 -23.20
C LYS A 620 3.20 4.12 -23.19
N THR A 621 3.69 4.60 -22.04
CA THR A 621 5.06 5.07 -21.97
C THR A 621 6.06 3.92 -21.97
N LYS A 622 5.64 2.74 -21.52
CA LYS A 622 6.46 1.53 -21.65
C LYS A 622 6.64 1.14 -23.11
N LYS A 623 5.54 1.11 -23.85
CA LYS A 623 5.57 0.88 -25.29
C LYS A 623 6.42 1.91 -26.02
N GLU A 624 6.36 3.20 -25.62
CA GLU A 624 7.13 4.24 -26.30
C GLU A 624 8.62 4.11 -26.01
N TYR A 625 8.99 3.63 -24.82
CA TYR A 625 10.39 3.36 -24.53
C TYR A 625 10.88 2.15 -25.32
N LEU A 626 10.06 1.08 -25.39
CA LEU A 626 10.48 -0.17 -26.00
C LEU A 626 10.67 -0.03 -27.50
N LEU A 627 9.87 0.82 -28.14
CA LEU A 627 9.96 1.02 -29.59
C LEU A 627 10.46 2.41 -29.94
N GLU A 628 11.34 2.95 -29.11
CA GLU A 628 12.08 4.15 -29.45
C GLU A 628 13.04 3.85 -30.59
N GLU A 629 12.90 4.56 -31.70
CA GLU A 629 13.77 4.32 -32.84
C GLU A 629 14.79 5.42 -33.08
N ARG A 630 14.72 6.53 -32.34
CA ARG A 630 15.70 7.58 -32.53
C ARG A 630 17.06 7.20 -31.95
N ASP A 631 18.10 7.81 -32.49
CA ASP A 631 19.45 7.66 -31.98
C ASP A 631 19.57 8.44 -30.67
N ILE A 632 19.67 7.71 -29.55
CA ILE A 632 19.76 8.38 -28.24
C ILE A 632 21.14 8.95 -27.98
N ASN A 633 22.08 8.79 -28.89
CA ASN A 633 23.39 9.43 -28.76
C ASN A 633 23.41 10.84 -29.34
N ARG A 634 22.38 11.22 -30.07
CA ARG A 634 22.28 12.55 -30.63
C ARG A 634 21.76 13.51 -29.56
N PHE A 635 22.30 14.73 -29.54
CA PHE A 635 22.03 15.61 -28.43
C PHE A 635 20.60 16.15 -28.44
N SER A 636 20.01 16.35 -29.62
CA SER A 636 18.62 16.80 -29.67
C SER A 636 17.67 15.79 -29.03
N VAL A 637 17.92 14.49 -29.24
CA VAL A 637 17.11 13.45 -28.62
C VAL A 637 17.30 13.45 -27.10
N GLN A 638 18.55 13.59 -26.65
CA GLN A 638 18.82 13.63 -25.21
C GLN A 638 18.13 14.81 -24.54
N LYS A 639 18.15 15.97 -25.19
CA LYS A 639 17.46 17.12 -24.60
C LYS A 639 15.96 16.97 -24.70
N ASP A 640 15.46 16.22 -25.69
CA ASP A 640 14.04 15.89 -25.68
C ASP A 640 13.67 15.04 -24.47
N PHE A 641 14.52 14.05 -24.13
CA PHE A 641 14.24 13.23 -22.96
C PHE A 641 14.30 14.05 -21.67
N ILE A 642 15.16 15.05 -21.62
CA ILE A 642 15.27 15.89 -20.43
C ILE A 642 14.07 16.83 -20.33
N ASN A 643 13.73 17.53 -21.42
CA ASN A 643 12.64 18.50 -21.38
C ASN A 643 11.28 17.82 -21.20
N ARG A 644 11.11 16.60 -21.74
CA ARG A 644 9.83 15.93 -21.65
C ARG A 644 9.56 15.36 -20.26
N ASN A 645 10.61 14.90 -19.56
CA ASN A 645 10.47 14.09 -18.35
C ASN A 645 11.06 14.78 -17.12
N LEU A 646 10.90 16.10 -17.03
CA LEU A 646 11.38 16.85 -15.90
C LEU A 646 10.25 17.50 -15.12
N VAL A 647 9.01 17.26 -15.54
CA VAL A 647 7.88 18.05 -15.07
C VAL A 647 7.42 17.61 -13.68
N ASP A 648 7.48 16.31 -13.39
CA ASP A 648 6.81 15.71 -12.22
C ASP A 648 5.31 15.99 -12.29
N THR A 649 4.65 15.15 -13.08
CA THR A 649 3.24 15.22 -13.39
C THR A 649 2.33 14.72 -12.25
N ARG A 650 2.88 14.27 -11.12
CA ARG A 650 2.06 13.50 -10.18
C ARG A 650 1.12 14.42 -9.42
N TYR A 651 0.02 13.80 -8.94
CA TYR A 651 -1.08 14.55 -8.36
C TYR A 651 -0.67 15.29 -7.09
N ALA A 652 0.05 14.60 -6.19
CA ALA A 652 0.46 15.24 -4.95
C ALA A 652 1.35 16.45 -5.24
N THR A 653 2.26 16.34 -6.21
CA THR A 653 3.14 17.46 -6.54
C THR A 653 2.34 18.62 -7.11
N ARG A 654 1.42 18.36 -8.05
CA ARG A 654 0.58 19.44 -8.56
C ARG A 654 -0.20 20.11 -7.44
N GLY A 655 -0.68 19.33 -6.47
CA GLY A 655 -1.46 19.93 -5.38
C GLY A 655 -0.61 20.82 -4.49
N LEU A 656 0.63 20.39 -4.21
CA LEU A 656 1.53 21.18 -3.39
C LEU A 656 1.94 22.46 -4.13
N MET A 657 2.21 22.36 -5.43
CA MET A 657 2.57 23.53 -6.22
C MET A 657 1.41 24.52 -6.32
N ASN A 658 0.19 24.02 -6.47
CA ASN A 658 -0.96 24.90 -6.49
C ASN A 658 -1.15 25.59 -5.14
N LEU A 659 -0.95 24.86 -4.03
CA LEU A 659 -1.00 25.48 -2.71
C LEU A 659 0.03 26.60 -2.60
N LEU A 660 1.29 26.33 -3.00
CA LEU A 660 2.35 27.32 -2.82
C LEU A 660 2.18 28.48 -3.79
N ARG A 661 1.94 28.20 -5.08
CA ARG A 661 1.70 29.26 -6.04
C ARG A 661 0.47 30.08 -5.67
N SER A 662 -0.59 29.44 -5.19
CA SER A 662 -1.76 30.21 -4.77
C SER A 662 -1.40 31.11 -3.59
N TYR A 663 -0.62 30.60 -2.64
CA TYR A 663 -0.26 31.37 -1.45
C TYR A 663 0.54 32.61 -1.82
N PHE A 664 1.56 32.45 -2.69
CA PHE A 664 2.37 33.61 -3.04
C PHE A 664 1.61 34.57 -3.95
N ARG A 665 0.75 34.04 -4.84
CA ARG A 665 -0.09 34.88 -5.69
C ARG A 665 -1.06 35.72 -4.88
N VAL A 666 -1.72 35.14 -3.87
CA VAL A 666 -2.76 35.89 -3.16
C VAL A 666 -2.16 36.99 -2.29
N ASN A 667 -1.09 36.72 -1.55
CA ASN A 667 -0.52 37.71 -0.65
C ASN A 667 0.52 38.63 -1.31
N ASN A 668 0.57 38.70 -2.64
CA ASN A 668 1.49 39.61 -3.35
C ASN A 668 2.94 39.37 -2.93
N LEU A 669 3.37 38.11 -3.07
CA LEU A 669 4.74 37.68 -2.85
C LEU A 669 5.25 37.09 -4.15
N ASP A 670 6.35 37.62 -4.67
CA ASP A 670 6.85 37.15 -5.96
C ASP A 670 7.89 36.06 -5.73
N VAL A 671 7.42 34.82 -5.63
CA VAL A 671 8.25 33.65 -5.46
C VAL A 671 7.89 32.67 -6.57
N LYS A 672 8.89 32.26 -7.34
CA LYS A 672 8.67 31.26 -8.37
C LYS A 672 8.86 29.89 -7.75
N VAL A 673 7.91 28.99 -7.96
CA VAL A 673 7.96 27.67 -7.37
C VAL A 673 7.89 26.66 -8.49
N LYS A 674 8.86 25.75 -8.51
CA LYS A 674 8.98 24.77 -9.58
C LYS A 674 9.27 23.41 -8.94
N SER A 675 8.93 22.34 -9.67
CA SER A 675 9.22 20.98 -9.24
C SER A 675 9.94 20.22 -10.35
N ILE A 676 10.90 19.38 -9.95
CA ILE A 676 11.58 18.48 -10.89
C ILE A 676 11.25 17.06 -10.47
N ASN A 677 11.38 16.14 -11.42
CA ASN A 677 10.99 14.76 -11.19
C ASN A 677 12.05 14.05 -10.36
N GLY A 678 11.73 12.84 -9.91
CA GLY A 678 12.53 12.11 -8.93
C GLY A 678 13.95 11.80 -9.34
N GLY A 679 14.13 10.92 -10.33
CA GLY A 679 15.44 10.43 -10.66
C GLY A 679 16.42 11.49 -11.08
N PHE A 680 15.97 12.73 -11.32
CA PHE A 680 16.78 13.68 -12.07
C PHE A 680 18.02 14.09 -11.30
N THR A 681 17.92 14.25 -9.98
CA THR A 681 19.08 14.65 -9.21
C THR A 681 20.11 13.54 -9.16
N SER A 682 19.68 12.28 -9.02
CA SER A 682 20.63 11.17 -9.10
C SER A 682 21.27 11.11 -10.49
N PHE A 683 20.48 11.43 -11.52
CA PHE A 683 20.97 11.62 -12.89
C PHE A 683 22.14 12.61 -12.91
N LEU A 684 21.97 13.76 -12.24
CA LEU A 684 23.00 14.80 -12.23
C LEU A 684 24.24 14.37 -11.46
N ARG A 685 24.04 13.64 -10.36
CA ARG A 685 25.19 13.10 -9.62
C ARG A 685 25.89 11.99 -10.39
N ARG A 686 25.15 11.25 -11.22
CA ARG A 686 25.79 10.29 -12.10
C ARG A 686 26.69 10.97 -13.13
N LYS A 687 26.45 12.27 -13.40
CA LYS A 687 27.28 13.04 -14.31
C LYS A 687 28.03 14.15 -13.64
N TRP A 688 28.06 14.17 -12.32
CA TRP A 688 28.92 15.08 -11.59
C TRP A 688 29.94 14.32 -10.74
N LYS A 689 29.94 12.99 -10.84
CA LYS A 689 30.88 12.12 -10.13
C LYS A 689 30.74 12.25 -8.61
N PHE A 690 29.51 12.07 -8.13
CA PHE A 690 29.22 11.86 -6.71
C PHE A 690 29.21 10.34 -6.43
N LYS A 691 29.82 9.95 -5.29
CA LYS A 691 30.22 8.55 -5.04
C LYS A 691 29.02 7.65 -4.78
N LYS A 692 29.16 6.37 -5.11
CA LYS A 692 28.06 5.41 -4.94
C LYS A 692 27.76 5.19 -3.46
N GLU A 693 28.81 5.02 -2.64
CA GLU A 693 28.64 4.85 -1.19
C GLU A 693 28.13 6.15 -0.56
N ARG A 694 26.86 6.15 -0.11
CA ARG A 694 26.24 7.27 0.60
C ARG A 694 25.52 6.81 1.87
N ASN A 695 26.14 5.88 2.60
CA ASN A 695 25.82 5.53 3.99
C ASN A 695 26.66 6.35 4.96
N LYS A 696 26.92 7.60 4.59
CA LYS A 696 27.67 8.54 5.39
C LYS A 696 26.77 9.49 6.18
N GLY A 697 25.49 9.15 6.32
CA GLY A 697 24.61 9.85 7.24
C GLY A 697 23.42 10.48 6.53
N TYR A 698 22.65 11.22 7.33
CA TYR A 698 21.47 11.91 6.81
C TYR A 698 21.80 13.09 5.91
N LYS A 699 23.07 13.51 5.87
CA LYS A 699 23.46 14.68 5.08
C LYS A 699 23.16 14.50 3.59
N HIS A 700 23.12 13.26 3.08
CA HIS A 700 22.86 13.08 1.67
C HIS A 700 21.51 13.65 1.26
N HIS A 701 20.57 13.77 2.21
CA HIS A 701 19.28 14.42 1.92
C HIS A 701 19.47 15.91 1.69
N ALA A 702 20.32 16.55 2.50
CA ALA A 702 20.59 17.97 2.32
C ALA A 702 21.46 18.21 1.10
N GLU A 703 22.40 17.29 0.82
CA GLU A 703 23.16 17.36 -0.42
C GLU A 703 22.23 17.40 -1.63
N ASP A 704 21.29 16.46 -1.70
CA ASP A 704 20.35 16.42 -2.81
C ASP A 704 19.60 17.74 -2.93
N ALA A 705 19.23 18.33 -1.79
CA ALA A 705 18.53 19.61 -1.81
C ALA A 705 19.40 20.72 -2.38
N LEU A 706 20.71 20.67 -2.09
CA LEU A 706 21.62 21.67 -2.65
C LEU A 706 21.72 21.51 -4.17
N ILE A 707 21.81 20.26 -4.64
CA ILE A 707 21.84 19.99 -6.08
C ILE A 707 20.56 20.51 -6.75
N ILE A 708 19.41 20.31 -6.10
CA ILE A 708 18.12 20.75 -6.62
C ILE A 708 18.11 22.26 -6.82
N ALA A 709 18.79 22.99 -5.94
CA ALA A 709 18.81 24.44 -6.04
C ALA A 709 19.62 24.89 -7.24
N ASN A 710 20.76 24.23 -7.49
CA ASN A 710 21.59 24.61 -8.64
C ASN A 710 21.02 24.10 -9.94
N ALA A 711 20.14 23.11 -9.88
CA ALA A 711 19.40 22.70 -11.06
C ALA A 711 18.68 23.88 -11.71
N ASP A 712 18.20 24.82 -10.88
CA ASP A 712 17.47 25.98 -11.39
C ASP A 712 18.35 26.80 -12.33
N PHE A 713 19.63 26.94 -11.99
CA PHE A 713 20.54 27.70 -12.85
C PHE A 713 20.69 27.04 -14.21
N ILE A 714 20.78 25.71 -14.24
CA ILE A 714 21.00 24.99 -15.48
C ILE A 714 19.84 25.23 -16.46
N PHE A 715 18.62 25.36 -15.97
CA PHE A 715 17.46 25.48 -16.84
C PHE A 715 17.10 26.91 -17.19
N LYS A 716 17.68 27.89 -16.50
CA LYS A 716 17.61 29.26 -16.98
C LYS A 716 18.65 29.51 -18.05
N GLU A 717 19.90 29.10 -17.81
CA GLU A 717 20.94 29.33 -18.79
C GLU A 717 20.76 28.48 -20.05
N TRP A 718 19.95 27.42 -19.98
CA TRP A 718 19.59 26.72 -21.22
C TRP A 718 18.62 27.55 -22.07
N LYS A 719 17.68 28.24 -21.44
CA LYS A 719 16.66 28.94 -22.23
C LYS A 719 17.20 30.19 -22.88
N LYS A 720 18.17 30.85 -22.23
CA LYS A 720 18.89 31.91 -22.92
C LYS A 720 19.79 31.37 -24.03
N LEU A 721 20.21 30.10 -23.92
CA LEU A 721 20.88 29.47 -25.05
C LEU A 721 19.94 29.13 -26.20
N ASP A 722 18.67 28.82 -25.90
CA ASP A 722 17.74 28.44 -26.97
C ASP A 722 17.08 29.65 -27.62
N LYS A 723 17.33 30.85 -27.10
CA LYS A 723 17.06 32.09 -27.83
C LYS A 723 18.29 32.41 -28.71
N ALA A 724 18.42 31.62 -29.78
CA ALA A 724 19.56 31.71 -30.69
C ALA A 724 19.18 31.15 -32.06
N PRO A 742 28.18 25.47 -37.55
CA PRO A 742 28.22 25.94 -36.16
C PRO A 742 27.25 25.18 -35.24
N GLU A 743 27.32 23.84 -35.27
CA GLU A 743 26.48 22.98 -34.44
C GLU A 743 27.19 22.43 -33.22
N ILE A 744 28.43 21.99 -33.40
CA ILE A 744 29.16 21.35 -32.31
C ILE A 744 29.48 22.36 -31.22
N GLU A 745 29.72 23.61 -31.59
CA GLU A 745 30.01 24.63 -30.58
C GLU A 745 28.79 24.90 -29.71
N THR A 746 27.60 24.91 -30.31
CA THR A 746 26.39 25.09 -29.52
C THR A 746 26.11 23.89 -28.61
N GLU A 747 26.21 22.68 -29.14
CA GLU A 747 26.11 21.49 -28.28
C GLU A 747 27.09 21.57 -27.12
N GLN A 748 28.30 22.09 -27.39
CA GLN A 748 29.31 22.19 -26.34
C GLN A 748 28.96 23.26 -25.32
N GLU A 749 28.10 24.21 -25.63
CA GLU A 749 27.73 25.19 -24.61
C GLU A 749 26.59 24.66 -23.73
N TYR A 750 25.58 24.00 -24.31
CA TYR A 750 24.62 23.27 -23.49
C TYR A 750 25.32 22.25 -22.58
N LYS A 751 26.15 21.38 -23.17
CA LYS A 751 26.83 20.36 -22.37
C LYS A 751 27.86 20.98 -21.42
N GLU A 752 28.42 22.15 -21.77
CA GLU A 752 29.43 22.76 -20.89
C GLU A 752 28.80 23.26 -19.59
N ILE A 753 27.76 24.08 -19.69
CA ILE A 753 27.16 24.65 -18.48
C ILE A 753 26.34 23.60 -17.74
N PHE A 754 26.01 22.50 -18.40
CA PHE A 754 25.37 21.39 -17.73
C PHE A 754 26.33 20.66 -16.80
N ILE A 755 27.64 20.75 -17.06
CA ILE A 755 28.62 19.85 -16.46
C ILE A 755 29.58 20.57 -15.52
N THR A 756 29.41 21.88 -15.31
CA THR A 756 30.35 22.72 -14.57
C THR A 756 30.55 22.26 -13.13
N PRO A 757 31.77 21.80 -12.75
CA PRO A 757 32.00 21.31 -11.38
C PRO A 757 32.31 22.40 -10.37
N HIS A 758 32.04 23.67 -10.71
CA HIS A 758 32.43 24.77 -9.83
C HIS A 758 31.64 24.73 -8.53
N GLN A 759 30.32 24.60 -8.62
CA GLN A 759 29.50 24.46 -7.43
C GLN A 759 29.59 23.06 -6.81
N ILE A 760 30.02 22.06 -7.59
CA ILE A 760 30.06 20.67 -7.09
C ILE A 760 31.07 20.54 -5.95
N LYS A 761 32.29 21.02 -6.15
CA LYS A 761 33.27 21.04 -5.06
C LYS A 761 32.84 21.98 -3.94
N HIS A 762 32.01 22.98 -4.25
CA HIS A 762 31.56 23.89 -3.21
C HIS A 762 30.57 23.22 -2.27
N ILE A 763 29.79 22.26 -2.78
CA ILE A 763 28.89 21.47 -1.94
C ILE A 763 29.65 20.36 -1.23
N LYS A 764 30.57 19.69 -1.94
CA LYS A 764 31.33 18.62 -1.32
C LYS A 764 32.15 19.09 -0.13
N ASP A 765 32.61 20.34 -0.12
CA ASP A 765 33.41 20.84 0.99
C ASP A 765 32.56 21.49 2.09
N PHE A 766 31.25 21.57 1.91
CA PHE A 766 30.37 22.10 2.95
C PHE A 766 30.34 21.16 4.15
N LYS A 767 30.35 21.74 5.36
CA LYS A 767 30.45 20.89 6.54
C LYS A 767 29.70 21.48 7.75
N ASP A 768 28.72 22.36 7.52
CA ASP A 768 27.84 22.87 8.57
C ASP A 768 26.40 22.44 8.30
N TYR A 769 26.19 21.16 8.08
CA TYR A 769 24.85 20.59 7.97
C TYR A 769 24.19 20.55 9.34
N LYS A 770 22.91 20.82 9.35
CA LYS A 770 22.15 20.77 10.59
C LYS A 770 21.08 19.67 10.48
N TYR A 771 20.66 19.19 11.64
CA TYR A 771 19.72 18.08 11.72
C TYR A 771 18.66 18.39 12.76
N SER A 772 17.42 18.12 12.41
CA SER A 772 16.29 18.28 13.33
C SER A 772 15.55 16.96 13.37
N HIS A 773 15.52 16.34 14.55
CA HIS A 773 14.71 15.14 14.79
C HIS A 773 13.45 15.52 15.52
N ARG A 774 12.32 15.12 14.95
CA ARG A 774 11.01 15.40 15.49
C ARG A 774 10.81 14.67 16.80
N VAL A 775 10.36 15.39 17.82
CA VAL A 775 10.17 14.86 19.16
C VAL A 775 8.75 14.37 19.27
N ASP A 776 8.53 13.25 19.92
CA ASP A 776 7.20 12.69 20.12
C ASP A 776 6.84 12.75 21.58
N LYS A 777 5.73 13.39 21.91
CA LYS A 777 5.29 13.46 23.29
C LYS A 777 3.85 13.04 23.47
N LYS A 778 3.31 12.27 22.54
CA LYS A 778 1.91 11.88 22.61
C LYS A 778 1.70 10.87 23.74
N PRO A 779 0.73 11.08 24.61
CA PRO A 779 0.40 10.07 25.60
C PRO A 779 -0.62 9.09 25.02
N ASN A 780 -0.89 8.05 25.79
CA ASN A 780 -1.78 6.96 25.40
C ASN A 780 -1.38 6.29 24.09
N ARG A 781 -0.09 6.16 23.82
CA ARG A 781 0.34 5.18 22.81
C ARG A 781 0.21 3.77 23.41
N GLU A 782 0.69 2.73 22.69
CA GLU A 782 0.68 1.37 23.22
C GLU A 782 1.26 1.31 24.63
N LEU A 783 0.53 0.70 25.55
CA LEU A 783 0.91 0.64 26.95
C LEU A 783 1.85 -0.52 27.28
N ILE A 784 1.75 -1.64 26.53
CA ILE A 784 2.28 -2.91 26.98
C ILE A 784 2.02 -3.97 25.90
N ASN A 785 2.85 -5.03 25.88
CA ASN A 785 2.64 -6.10 24.90
C ASN A 785 1.40 -6.95 25.25
N ASP A 786 0.70 -7.41 24.23
CA ASP A 786 -0.54 -8.18 24.41
C ASP A 786 -0.36 -9.54 25.10
N THR A 787 0.76 -10.24 24.84
CA THR A 787 0.87 -11.65 25.24
C THR A 787 0.81 -11.85 26.74
N LEU A 788 0.02 -12.84 27.17
CA LEU A 788 -0.09 -13.24 28.58
C LEU A 788 0.91 -14.35 28.91
N TYR A 789 1.55 -14.23 30.08
CA TYR A 789 2.56 -15.20 30.48
C TYR A 789 2.22 -15.74 31.84
N SER A 790 2.43 -17.03 32.02
CA SER A 790 2.37 -17.67 33.32
C SER A 790 3.75 -17.62 33.96
N THR A 791 3.84 -18.04 35.22
CA THR A 791 5.09 -17.93 35.99
C THR A 791 5.22 -19.12 36.92
N ARG A 792 6.44 -19.34 37.41
CA ARG A 792 6.71 -20.37 38.41
C ARG A 792 7.74 -19.88 39.41
N LYS A 793 7.69 -20.45 40.61
CA LYS A 793 8.71 -20.21 41.63
C LYS A 793 9.70 -21.37 41.69
N ASP A 794 10.99 -21.03 41.74
CA ASP A 794 12.04 -22.03 41.94
C ASP A 794 12.30 -22.22 43.44
N ASP A 795 13.34 -23.00 43.77
CA ASP A 795 13.68 -23.29 45.18
C ASP A 795 14.21 -22.05 45.91
N LYS A 796 14.90 -21.17 45.18
CA LYS A 796 15.49 -19.95 45.70
C LYS A 796 14.46 -18.84 45.90
N GLY A 797 13.18 -19.12 45.65
CA GLY A 797 12.13 -18.12 45.75
C GLY A 797 12.06 -17.12 44.61
N ASN A 798 12.88 -17.28 43.58
CA ASN A 798 12.77 -16.42 42.40
C ASN A 798 11.51 -16.76 41.62
N THR A 799 10.84 -15.75 41.10
CA THR A 799 9.74 -15.98 40.18
C THR A 799 10.26 -15.89 38.75
N LEU A 800 10.02 -16.96 37.98
CA LEU A 800 10.46 -17.06 36.60
C LEU A 800 9.25 -17.01 35.66
N ILE A 801 9.42 -16.36 34.51
CA ILE A 801 8.44 -16.39 33.43
C ILE A 801 8.51 -17.74 32.73
N VAL A 802 7.35 -18.28 32.35
CA VAL A 802 7.24 -19.50 31.55
C VAL A 802 7.07 -19.11 30.10
N ASN A 803 7.95 -19.60 29.23
CA ASN A 803 7.92 -19.35 27.81
C ASN A 803 7.52 -20.62 27.06
N ASN A 804 7.01 -20.44 25.83
CA ASN A 804 6.52 -21.52 25.00
C ASN A 804 7.38 -21.69 23.76
N LEU A 805 7.69 -22.94 23.42
CA LEU A 805 8.24 -23.29 22.11
C LEU A 805 7.11 -23.87 21.28
N ASN A 806 6.77 -23.20 20.19
CA ASN A 806 5.86 -23.74 19.19
C ASN A 806 6.55 -23.67 17.82
N GLY A 807 5.78 -23.90 16.76
CA GLY A 807 6.40 -24.30 15.50
C GLY A 807 7.41 -25.42 15.69
N LEU A 808 7.08 -26.42 16.53
CA LEU A 808 8.05 -27.45 16.87
C LEU A 808 8.50 -28.26 15.66
N TYR A 809 7.70 -28.32 14.61
CA TYR A 809 8.01 -29.14 13.45
C TYR A 809 8.39 -28.31 12.23
N ASP A 810 8.51 -26.99 12.38
CA ASP A 810 8.98 -26.15 11.29
C ASP A 810 10.43 -26.46 10.96
N LYS A 811 10.75 -26.47 9.66
CA LYS A 811 11.99 -27.07 9.18
C LYS A 811 13.23 -26.28 9.61
N ASP A 812 13.11 -24.96 9.77
CA ASP A 812 14.27 -24.15 10.09
C ASP A 812 14.38 -23.83 11.59
N ASN A 813 13.49 -24.39 12.41
CA ASN A 813 13.43 -24.05 13.83
C ASN A 813 14.42 -24.90 14.63
N ASP A 814 15.57 -24.33 14.96
CA ASP A 814 16.57 -25.02 15.78
C ASP A 814 16.49 -24.66 17.27
N LYS A 815 15.45 -23.93 17.70
CA LYS A 815 15.39 -23.43 19.06
C LYS A 815 15.37 -24.58 20.07
N LEU A 816 14.53 -25.59 19.81
CA LEU A 816 14.42 -26.71 20.72
C LEU A 816 15.73 -27.49 20.81
N LYS A 817 16.43 -27.67 19.67
CA LYS A 817 17.73 -28.35 19.66
C LYS A 817 18.76 -27.61 20.51
N LYS A 818 18.92 -26.30 20.26
CA LYS A 818 19.89 -25.52 21.04
C LYS A 818 19.53 -25.51 22.51
N LEU A 819 18.25 -25.43 22.85
CA LEU A 819 17.89 -25.47 24.26
C LEU A 819 18.27 -26.79 24.90
N ILE A 820 17.96 -27.91 24.24
CA ILE A 820 18.21 -29.23 24.83
C ILE A 820 19.69 -29.52 24.96
N ASN A 821 20.51 -29.14 23.96
CA ASN A 821 21.94 -29.39 24.06
C ASN A 821 22.63 -28.46 25.06
N LYS A 822 22.09 -27.26 25.28
CA LYS A 822 22.70 -26.32 26.20
C LYS A 822 22.17 -26.47 27.63
N SER A 823 20.85 -26.55 27.80
CA SER A 823 20.23 -26.45 29.12
C SER A 823 18.94 -27.25 29.19
N PRO A 824 19.02 -28.58 29.12
CA PRO A 824 17.77 -29.38 29.12
C PRO A 824 16.92 -29.19 30.35
N GLU A 825 17.52 -28.92 31.51
CA GLU A 825 16.79 -28.66 32.74
C GLU A 825 15.84 -27.46 32.63
N LYS A 826 15.93 -26.64 31.59
CA LYS A 826 14.97 -25.55 31.46
C LYS A 826 13.59 -26.03 31.02
N LEU A 827 13.48 -27.19 30.37
CA LEU A 827 12.17 -27.71 29.95
C LEU A 827 11.39 -28.21 31.17
N LEU A 828 10.14 -27.74 31.31
CA LEU A 828 9.31 -28.24 32.40
C LEU A 828 9.14 -29.76 32.33
N MET A 829 8.99 -30.29 31.12
CA MET A 829 8.97 -31.72 30.83
C MET A 829 10.16 -32.46 31.44
N TYR A 830 11.35 -31.86 31.48
CA TYR A 830 12.51 -32.54 32.02
C TYR A 830 12.26 -33.02 33.45
N HIS A 831 11.58 -32.21 34.26
CA HIS A 831 11.28 -32.45 35.67
C HIS A 831 9.99 -33.23 35.88
N HIS A 832 8.93 -32.90 35.16
CA HIS A 832 7.67 -33.63 35.23
C HIS A 832 7.57 -34.43 33.93
N ASP A 833 7.15 -35.66 34.00
CA ASP A 833 7.22 -36.53 32.81
C ASP A 833 8.61 -36.75 32.18
N PRO A 834 9.58 -37.31 32.90
CA PRO A 834 10.89 -37.57 32.27
C PRO A 834 10.86 -38.69 31.23
N GLN A 835 9.81 -39.51 31.18
CA GLN A 835 9.74 -40.54 30.13
C GLN A 835 9.42 -39.91 28.78
N THR A 836 8.56 -38.90 28.74
CA THR A 836 8.38 -38.18 27.47
C THR A 836 9.67 -37.48 27.08
N TYR A 837 10.34 -36.84 28.05
CA TYR A 837 11.62 -36.23 27.75
C TYR A 837 12.57 -37.23 27.10
N GLN A 838 12.63 -38.46 27.63
CA GLN A 838 13.50 -39.48 27.04
C GLN A 838 13.18 -39.72 25.57
N LYS A 839 11.90 -39.85 25.22
CA LYS A 839 11.51 -39.92 23.80
C LYS A 839 12.04 -38.74 23.01
N LEU A 840 11.92 -37.53 23.58
CA LEU A 840 12.40 -36.34 22.88
C LEU A 840 13.91 -36.38 22.73
N LYS A 841 14.63 -36.72 23.81
CA LYS A 841 16.09 -36.82 23.73
C LYS A 841 16.53 -37.83 22.67
N LEU A 842 15.82 -38.97 22.58
CA LEU A 842 16.18 -39.97 21.59
C LEU A 842 16.07 -39.41 20.17
N ILE A 843 15.01 -38.64 19.87
CA ILE A 843 14.88 -38.02 18.55
C ILE A 843 16.00 -37.00 18.33
N MET A 844 16.31 -36.20 19.38
CA MET A 844 17.42 -35.26 19.27
C MET A 844 18.73 -35.99 18.97
N GLU A 845 19.02 -37.09 19.71
CA GLU A 845 20.21 -37.88 19.39
C GLU A 845 20.20 -38.34 17.94
N GLN A 846 19.09 -38.93 17.50
CA GLN A 846 19.04 -39.61 16.21
C GLN A 846 19.18 -38.67 15.03
N TYR A 847 18.62 -37.45 15.13
CA TYR A 847 18.66 -36.49 14.04
C TYR A 847 19.37 -35.22 14.45
N GLY A 848 20.39 -35.35 15.30
CA GLY A 848 21.13 -34.22 15.84
C GLY A 848 21.80 -33.33 14.80
N ASP A 849 22.18 -33.90 13.65
CA ASP A 849 22.86 -33.11 12.63
C ASP A 849 21.90 -32.24 11.83
N GLU A 850 20.59 -32.45 11.96
CA GLU A 850 19.60 -31.65 11.24
C GLU A 850 19.28 -30.36 11.99
N LYS A 851 18.79 -29.37 11.26
CA LYS A 851 18.49 -28.10 11.90
C LYS A 851 17.32 -28.22 12.86
N ASN A 852 16.23 -28.84 12.45
CA ASN A 852 15.17 -29.26 13.37
C ASN A 852 15.00 -30.78 13.38
N PRO A 853 15.47 -31.46 14.42
CA PRO A 853 15.31 -32.91 14.50
C PRO A 853 13.85 -33.39 14.51
N LEU A 854 12.89 -32.66 15.10
CA LEU A 854 11.52 -33.13 15.02
C LEU A 854 10.97 -33.03 13.61
N TYR A 855 11.44 -32.07 12.81
CA TYR A 855 11.02 -32.08 11.41
C TYR A 855 11.53 -33.32 10.67
N LYS A 856 12.78 -33.69 10.90
CA LYS A 856 13.32 -34.91 10.29
C LYS A 856 12.59 -36.14 10.82
N TYR A 857 12.23 -36.13 12.10
CA TYR A 857 11.45 -37.23 12.63
C TYR A 857 10.09 -37.32 11.93
N TYR A 858 9.38 -36.20 11.83
CA TYR A 858 8.09 -36.20 11.13
C TYR A 858 8.27 -36.63 9.67
N GLU A 859 9.31 -36.14 8.98
CA GLU A 859 9.49 -36.52 7.58
C GLU A 859 9.80 -38.01 7.43
N GLU A 860 10.59 -38.59 8.35
CA GLU A 860 11.00 -39.97 8.18
C GLU A 860 9.96 -40.98 8.64
N THR A 861 9.05 -40.56 9.52
CA THR A 861 8.17 -41.44 10.25
C THR A 861 6.70 -41.14 10.00
N GLY A 862 6.38 -39.95 9.49
CA GLY A 862 5.01 -39.55 9.34
C GLY A 862 4.27 -39.21 10.63
N ASN A 863 4.90 -39.36 11.79
CA ASN A 863 4.25 -39.14 13.08
C ASN A 863 4.83 -37.90 13.75
N TYR A 864 4.02 -37.26 14.58
CA TYR A 864 4.48 -36.26 15.52
C TYR A 864 4.91 -36.96 16.80
N LEU A 865 5.74 -36.27 17.59
CA LEU A 865 6.09 -36.73 18.92
C LEU A 865 4.85 -36.79 19.81
N THR A 866 4.59 -37.95 20.43
CA THR A 866 3.49 -38.04 21.38
C THR A 866 4.00 -38.16 22.82
N LYS A 867 3.14 -37.75 23.75
CA LYS A 867 3.41 -37.99 25.16
C LYS A 867 3.52 -39.50 25.43
N TYR A 868 4.45 -39.86 26.32
CA TYR A 868 4.65 -41.26 26.64
C TYR A 868 3.41 -41.86 27.28
N SER A 869 2.96 -42.97 26.71
CA SER A 869 1.97 -43.83 27.34
C SER A 869 2.35 -45.27 27.05
N LYS A 870 1.94 -46.17 27.94
CA LYS A 870 2.34 -47.56 27.79
C LYS A 870 1.53 -48.28 26.71
N LYS A 871 0.33 -47.78 26.38
CA LYS A 871 -0.45 -48.34 25.28
C LYS A 871 -0.34 -47.49 24.01
N ASP A 872 0.62 -46.57 23.97
CA ASP A 872 0.93 -45.75 22.79
C ASP A 872 -0.26 -44.88 22.35
N ASN A 873 -1.14 -44.54 23.28
CA ASN A 873 -2.29 -43.67 23.00
C ASN A 873 -2.10 -42.29 23.65
N GLY A 874 -0.88 -41.77 23.62
CA GLY A 874 -0.59 -40.46 24.17
C GLY A 874 -0.84 -39.35 23.18
N PRO A 875 -1.24 -38.18 23.67
CA PRO A 875 -1.58 -37.07 22.78
C PRO A 875 -0.36 -36.48 22.10
N VAL A 876 -0.58 -35.93 20.90
CA VAL A 876 0.47 -35.20 20.19
C VAL A 876 0.94 -34.01 21.02
N ILE A 877 2.25 -33.73 20.99
CA ILE A 877 2.83 -32.60 21.68
C ILE A 877 3.04 -31.47 20.67
N LYS A 878 2.49 -30.30 20.95
CA LYS A 878 2.63 -29.21 19.99
C LYS A 878 3.28 -27.95 20.51
N LYS A 879 3.31 -27.74 21.80
CA LYS A 879 4.18 -26.72 22.34
C LYS A 879 4.74 -27.22 23.65
N ILE A 880 5.92 -26.73 23.99
CA ILE A 880 6.70 -27.20 25.12
C ILE A 880 7.08 -26.00 25.97
N LYS A 881 6.74 -26.04 27.26
CA LYS A 881 7.06 -24.95 28.16
C LYS A 881 8.48 -25.09 28.70
N TYR A 882 9.15 -23.95 28.87
CA TYR A 882 10.46 -23.92 29.50
C TYR A 882 10.53 -22.73 30.45
N TYR A 883 11.49 -22.76 31.38
CA TYR A 883 11.69 -21.70 32.38
C TYR A 883 12.49 -20.55 31.77
N GLY A 884 11.85 -19.41 31.58
CA GLY A 884 12.51 -18.22 31.04
C GLY A 884 13.17 -17.35 32.08
N ASN A 885 13.26 -16.04 31.80
CA ASN A 885 14.03 -15.14 32.66
C ASN A 885 13.30 -14.87 33.96
N LYS A 886 14.08 -14.36 34.92
CA LYS A 886 13.53 -13.87 36.18
C LYS A 886 12.59 -12.71 35.94
N LEU A 887 11.54 -12.65 36.75
CA LEU A 887 10.49 -11.65 36.61
C LEU A 887 10.91 -10.37 37.32
N ASN A 888 11.24 -9.31 36.58
CA ASN A 888 11.35 -7.98 37.18
C ASN A 888 10.20 -7.09 36.74
N ALA A 889 10.43 -6.23 35.75
CA ALA A 889 9.40 -5.34 35.20
C ALA A 889 8.24 -6.16 34.65
N HIS A 890 7.02 -5.87 35.13
CA HIS A 890 5.83 -6.58 34.70
C HIS A 890 4.58 -5.84 35.13
N LEU A 891 3.46 -6.20 34.53
CA LEU A 891 2.12 -5.87 34.99
C LEU A 891 1.44 -7.13 35.47
N ASP A 892 1.09 -7.16 36.76
CA ASP A 892 0.44 -8.31 37.37
C ASP A 892 -1.06 -8.27 37.08
N ILE A 893 -1.57 -9.30 36.40
CA ILE A 893 -3.00 -9.35 36.04
C ILE A 893 -3.67 -10.54 36.71
N THR A 894 -3.04 -11.12 37.73
CA THR A 894 -3.50 -12.37 38.32
C THR A 894 -4.91 -12.27 38.90
N ASP A 895 -5.31 -11.07 39.33
CA ASP A 895 -6.64 -10.90 39.90
C ASP A 895 -7.75 -11.21 38.91
N ASP A 896 -7.48 -11.06 37.60
CA ASP A 896 -8.47 -11.45 36.61
C ASP A 896 -8.64 -12.96 36.49
N TYR A 897 -7.87 -13.77 37.23
CA TYR A 897 -7.85 -15.23 37.06
C TYR A 897 -7.98 -15.91 38.43
N PRO A 898 -9.21 -16.11 38.89
CA PRO A 898 -9.45 -16.48 40.30
C PRO A 898 -8.91 -17.86 40.67
N ASN A 899 -8.24 -17.91 41.84
CA ASN A 899 -7.65 -19.13 42.41
C ASN A 899 -6.42 -19.59 41.62
N SER A 900 -5.86 -18.68 40.81
CA SER A 900 -4.69 -18.99 40.02
C SER A 900 -3.53 -19.31 40.95
N ARG A 901 -2.86 -20.44 40.71
CA ARG A 901 -1.78 -20.85 41.60
C ARG A 901 -0.54 -19.99 41.41
N ASN A 902 -0.30 -19.45 40.22
CA ASN A 902 0.85 -18.62 39.97
C ASN A 902 0.41 -17.25 39.47
N LYS A 903 1.35 -16.31 39.50
CA LYS A 903 1.15 -15.01 38.86
C LYS A 903 0.94 -15.17 37.35
N VAL A 904 0.08 -14.31 36.81
CA VAL A 904 -0.14 -14.16 35.38
C VAL A 904 0.23 -12.73 35.03
N VAL A 905 1.10 -12.55 34.04
CA VAL A 905 1.64 -11.22 33.80
C VAL A 905 1.53 -10.85 32.32
N LYS A 906 1.65 -9.55 32.06
CA LYS A 906 2.00 -9.03 30.76
C LYS A 906 3.31 -8.28 30.90
N LEU A 907 3.96 -8.03 29.79
CA LEU A 907 5.36 -7.62 29.82
C LEU A 907 5.60 -6.53 28.81
N SER A 908 6.71 -5.84 29.03
CA SER A 908 7.20 -4.75 28.20
C SER A 908 6.39 -3.46 28.49
N LEU A 909 6.73 -2.88 29.61
CA LEU A 909 6.07 -1.65 30.07
C LEU A 909 6.63 -0.50 29.23
N LYS A 910 5.86 -0.05 28.23
CA LYS A 910 6.37 0.94 27.27
C LYS A 910 6.59 2.27 27.99
N PRO A 911 7.75 2.90 27.85
CA PRO A 911 8.05 4.11 28.61
C PRO A 911 7.63 5.39 27.87
N TYR A 912 7.08 6.31 28.65
CA TYR A 912 6.72 7.64 28.15
C TYR A 912 7.91 8.60 28.16
N ARG A 913 8.58 8.77 29.29
CA ARG A 913 9.71 9.69 29.41
C ARG A 913 10.51 9.32 30.65
N PHE A 914 11.72 9.83 30.76
CA PHE A 914 12.43 9.78 32.02
C PHE A 914 12.78 11.20 32.50
N ASP A 915 12.73 11.40 33.81
CA ASP A 915 13.00 12.69 34.45
C ASP A 915 14.35 12.55 35.19
N VAL A 916 15.36 13.27 34.75
CA VAL A 916 16.69 13.22 35.35
C VAL A 916 16.76 14.15 36.56
N TYR A 917 17.25 13.61 37.68
CA TYR A 917 17.53 14.34 38.91
C TYR A 917 19.02 14.29 39.24
N LEU A 918 19.49 15.29 39.99
CA LEU A 918 20.85 15.30 40.53
C LEU A 918 20.78 15.31 42.05
N ASP A 919 21.24 14.22 42.66
CA ASP A 919 21.02 13.94 44.08
C ASP A 919 22.35 13.63 44.75
N ASN A 920 22.88 14.59 45.52
CA ASN A 920 24.15 14.44 46.23
C ASN A 920 25.28 14.13 45.26
N GLY A 921 25.33 14.86 44.16
CA GLY A 921 26.34 14.62 43.15
C GLY A 921 26.19 13.34 42.33
N VAL A 922 25.05 12.66 42.41
CA VAL A 922 24.79 11.47 41.60
C VAL A 922 23.56 11.71 40.73
N TYR A 923 23.71 11.60 39.42
CA TYR A 923 22.57 11.64 38.51
C TYR A 923 21.71 10.39 38.68
N LYS A 924 20.40 10.59 38.74
CA LYS A 924 19.41 9.52 38.81
C LYS A 924 18.25 9.90 37.89
N PHE A 925 17.35 8.95 37.63
CA PHE A 925 16.18 9.31 36.86
C PHE A 925 14.97 8.50 37.32
N VAL A 926 13.81 9.08 37.09
CA VAL A 926 12.52 8.43 37.30
C VAL A 926 11.98 8.12 35.91
N THR A 927 11.51 6.88 35.71
CA THR A 927 10.81 6.53 34.49
C THR A 927 9.33 6.81 34.65
N VAL A 928 8.73 7.45 33.67
CA VAL A 928 7.28 7.55 33.61
C VAL A 928 6.80 6.61 32.53
N LYS A 929 5.98 5.65 32.91
CA LYS A 929 5.51 4.70 31.92
C LYS A 929 4.26 5.26 31.25
N ASN A 930 3.98 4.77 30.04
CA ASN A 930 2.70 5.13 29.44
C ASN A 930 1.54 4.74 30.34
N LEU A 931 1.71 3.66 31.11
CA LEU A 931 0.76 3.22 32.13
C LEU A 931 0.52 4.27 33.20
N ASP A 932 1.52 5.12 33.47
CA ASP A 932 1.48 6.13 34.52
C ASP A 932 0.82 7.42 34.07
N VAL A 933 0.51 7.57 32.78
CA VAL A 933 -0.07 8.79 32.23
C VAL A 933 -1.56 8.53 32.03
N ILE A 934 -2.38 9.11 32.91
CA ILE A 934 -3.79 8.77 33.03
C ILE A 934 -4.65 9.86 32.40
N LYS A 935 -5.64 9.43 31.62
CA LYS A 935 -6.53 10.39 30.96
C LYS A 935 -7.55 10.92 31.95
N LYS A 936 -7.50 12.22 32.16
CA LYS A 936 -8.56 12.89 32.93
C LYS A 936 -9.56 13.49 31.94
N GLU A 937 -10.40 14.42 32.37
CA GLU A 937 -11.45 15.05 31.53
C GLU A 937 -10.99 15.40 30.12
N ASN A 938 -10.17 16.44 29.97
CA ASN A 938 -9.74 16.84 28.62
C ASN A 938 -8.22 16.90 28.56
N TYR A 939 -7.56 16.14 29.41
CA TYR A 939 -6.09 16.18 29.42
C TYR A 939 -5.58 14.87 30.01
N TYR A 940 -4.25 14.79 30.15
CA TYR A 940 -3.58 13.64 30.75
C TYR A 940 -2.76 14.11 31.95
N GLU A 941 -2.71 13.25 32.97
CA GLU A 941 -2.03 13.56 34.22
C GLU A 941 -1.09 12.42 34.60
N VAL A 942 0.18 12.76 34.80
CA VAL A 942 1.13 11.84 35.41
C VAL A 942 0.60 11.40 36.77
N ASN A 943 0.56 10.09 36.99
CA ASN A 943 0.17 9.53 38.28
C ASN A 943 1.17 9.93 39.36
N SER A 944 0.71 10.69 40.35
CA SER A 944 1.63 11.12 41.41
C SER A 944 1.99 9.98 42.36
N LYS A 945 1.07 9.06 42.65
CA LYS A 945 1.43 7.95 43.52
C LYS A 945 2.46 7.03 42.86
N ALA A 946 2.31 6.77 41.56
CA ALA A 946 3.34 5.96 40.88
C ALA A 946 4.66 6.71 40.79
N TYR A 947 4.59 8.03 40.59
CA TYR A 947 5.79 8.84 40.48
C TYR A 947 6.57 8.86 41.79
N GLU A 948 5.86 8.95 42.93
CA GLU A 948 6.56 8.99 44.21
C GLU A 948 7.06 7.62 44.62
N GLU A 949 6.35 6.53 44.25
CA GLU A 949 6.94 5.23 44.50
C GLU A 949 8.19 5.02 43.64
N ALA A 950 8.19 5.55 42.42
CA ALA A 950 9.41 5.50 41.61
C ALA A 950 10.55 6.30 42.24
N LYS A 951 10.25 7.49 42.78
CA LYS A 951 11.29 8.27 43.44
C LYS A 951 11.83 7.54 44.67
N LYS A 952 10.96 6.90 45.44
CA LYS A 952 11.45 6.14 46.59
C LYS A 952 12.28 4.93 46.13
N LEU A 953 11.87 4.25 45.06
CA LEU A 953 12.66 3.12 44.56
C LEU A 953 14.05 3.56 44.16
N LYS A 954 14.16 4.75 43.57
CA LYS A 954 15.43 5.22 43.07
C LYS A 954 16.23 5.98 44.13
N LYS A 955 15.70 6.05 45.36
CA LYS A 955 16.36 6.76 46.46
C LYS A 955 16.69 8.20 46.05
N ILE A 956 15.70 8.90 45.53
CA ILE A 956 15.83 10.29 45.15
C ILE A 956 15.28 11.13 46.31
N SER A 957 16.17 11.85 47.00
CA SER A 957 15.79 12.60 48.18
C SER A 957 15.06 13.89 47.78
N ASN A 958 14.37 14.49 48.76
CA ASN A 958 13.74 15.78 48.55
C ASN A 958 14.75 16.89 48.29
N GLN A 959 16.01 16.68 48.65
CA GLN A 959 17.06 17.65 48.38
C GLN A 959 17.54 17.62 46.93
N ALA A 960 17.03 16.70 46.12
CA ALA A 960 17.53 16.51 44.77
C ALA A 960 17.07 17.64 43.86
N GLU A 961 17.93 18.01 42.92
CA GLU A 961 17.61 19.01 41.91
C GLU A 961 17.06 18.33 40.65
N PHE A 962 15.92 18.82 40.16
CA PHE A 962 15.35 18.35 38.91
C PHE A 962 16.13 18.92 37.74
N ILE A 963 16.63 18.06 36.86
CA ILE A 963 17.48 18.54 35.78
C ILE A 963 16.69 18.73 34.50
N ALA A 964 16.01 17.67 34.04
CA ALA A 964 15.24 17.76 32.81
C ALA A 964 14.42 16.48 32.60
N SER A 965 13.35 16.64 31.81
CA SER A 965 12.54 15.58 31.25
C SER A 965 13.02 15.26 29.83
N PHE A 966 13.07 13.98 29.50
CA PHE A 966 13.53 13.54 28.17
C PHE A 966 12.48 12.63 27.53
N TYR A 967 11.98 13.04 26.38
CA TYR A 967 10.99 12.29 25.60
C TYR A 967 11.70 11.61 24.42
N ASN A 968 10.97 10.82 23.66
CA ASN A 968 11.56 10.18 22.49
C ASN A 968 12.04 11.25 21.51
N ASN A 969 13.32 11.18 21.17
CA ASN A 969 14.06 12.00 20.21
C ASN A 969 14.44 13.37 20.75
N ASP A 970 14.19 13.64 22.03
CA ASP A 970 14.91 14.71 22.71
C ASP A 970 16.40 14.49 22.62
N LEU A 971 17.14 15.60 22.55
CA LEU A 971 18.58 15.55 22.53
C LEU A 971 19.09 15.58 23.96
N ILE A 972 20.01 14.69 24.26
CA ILE A 972 20.64 14.58 25.56
C ILE A 972 22.14 14.61 25.33
N LYS A 973 22.83 15.42 26.13
CA LYS A 973 24.29 15.45 26.10
C LYS A 973 24.75 14.77 27.38
N ILE A 974 25.43 13.64 27.24
CA ILE A 974 25.94 12.89 28.38
C ILE A 974 27.44 12.87 28.27
N ASN A 975 28.12 13.30 29.33
CA ASN A 975 29.58 13.40 29.40
C ASN A 975 30.17 14.10 28.18
N GLY A 976 29.52 15.17 27.72
CA GLY A 976 30.00 15.95 26.60
C GLY A 976 29.62 15.47 25.22
N GLU A 977 28.87 14.39 25.11
CA GLU A 977 28.52 13.82 23.82
C GLU A 977 27.01 13.92 23.60
N LEU A 978 26.61 14.35 22.41
CA LEU A 978 25.21 14.65 22.12
C LEU A 978 24.57 13.50 21.36
N TYR A 979 23.44 13.03 21.88
CA TYR A 979 22.68 11.94 21.29
C TYR A 979 21.21 12.33 21.20
N ARG A 980 20.44 11.54 20.45
CA ARG A 980 18.98 11.60 20.52
C ARG A 980 18.47 10.41 21.32
N VAL A 981 17.39 10.65 22.06
CA VAL A 981 16.87 9.68 23.00
C VAL A 981 15.99 8.68 22.27
N ILE A 982 16.18 7.39 22.56
CA ILE A 982 15.20 6.39 22.14
C ILE A 982 14.16 6.17 23.22
N GLY A 983 14.61 5.89 24.44
CA GLY A 983 13.70 5.50 25.49
C GLY A 983 14.46 4.91 26.65
N VAL A 984 13.75 4.70 27.75
CA VAL A 984 14.32 3.95 28.86
C VAL A 984 14.47 2.48 28.43
N ASN A 985 15.72 1.99 28.44
CA ASN A 985 16.02 0.58 28.15
C ASN A 985 15.75 -0.29 29.36
N ASN A 986 16.19 0.14 30.54
CA ASN A 986 16.07 -0.68 31.74
C ASN A 986 15.95 0.23 32.96
N ASP A 987 14.76 0.31 33.56
CA ASP A 987 14.59 1.20 34.72
C ASP A 987 15.39 0.70 35.92
N LEU A 988 15.38 -0.62 36.15
CA LEU A 988 16.01 -1.15 37.37
C LEU A 988 17.52 -0.91 37.35
N LEU A 989 18.13 -1.00 36.17
CA LEU A 989 19.57 -0.82 36.10
C LEU A 989 19.95 0.52 35.50
N ASN A 990 19.00 1.46 35.44
CA ASN A 990 19.32 2.86 35.16
C ASN A 990 19.91 3.03 33.76
N ARG A 991 19.38 2.30 32.79
CA ARG A 991 19.91 2.31 31.43
C ARG A 991 18.93 3.01 30.49
N ILE A 992 19.47 3.75 29.55
CA ILE A 992 18.65 4.42 28.55
C ILE A 992 19.27 4.14 27.19
N GLU A 993 18.43 3.95 26.19
CA GLU A 993 18.89 3.73 24.83
C GLU A 993 18.88 5.07 24.09
N VAL A 994 19.94 5.34 23.34
CA VAL A 994 20.04 6.53 22.52
C VAL A 994 20.50 6.11 21.12
N ASN A 995 20.47 7.07 20.19
CA ASN A 995 21.06 6.91 18.89
C ASN A 995 21.80 8.22 18.59
N MET A 996 22.56 8.20 17.48
CA MET A 996 23.33 9.35 17.02
C MET A 996 22.45 10.27 16.17
N ILE A 997 22.95 11.47 15.91
CA ILE A 997 22.13 12.54 15.34
C ILE A 997 22.37 12.70 13.84
N ASP A 998 23.63 12.62 13.40
CA ASP A 998 23.92 12.78 11.97
C ASP A 998 23.84 11.48 11.19
N ILE A 999 23.68 10.33 11.84
CA ILE A 999 23.77 9.02 11.20
C ILE A 999 23.14 8.01 12.16
N THR A 1000 22.74 6.86 11.64
CA THR A 1000 22.36 5.82 12.58
C THR A 1000 23.62 5.14 13.09
N TYR A 1001 23.56 4.67 14.33
CA TYR A 1001 24.69 3.95 14.88
C TYR A 1001 25.00 2.68 14.08
N ARG A 1002 23.99 2.03 13.50
CA ARG A 1002 24.24 0.88 12.61
C ARG A 1002 25.19 1.24 11.48
N GLU A 1003 24.86 2.31 10.74
CA GLU A 1003 25.70 2.73 9.63
C GLU A 1003 27.05 3.24 10.11
N TYR A 1004 27.07 3.88 11.28
CA TYR A 1004 28.33 4.34 11.85
C TYR A 1004 29.30 3.19 12.04
N LEU A 1005 28.81 2.06 12.55
CA LEU A 1005 29.70 0.93 12.75
C LEU A 1005 30.00 0.21 11.44
N GLU A 1006 29.03 0.13 10.52
CA GLU A 1006 29.32 -0.51 9.24
C GLU A 1006 30.38 0.26 8.43
N ASN A 1007 30.45 1.58 8.58
CA ASN A 1007 31.51 2.35 7.95
C ASN A 1007 32.86 1.97 8.53
N MET A 1008 32.96 1.76 9.84
CA MET A 1008 34.19 1.30 10.46
C MET A 1008 34.44 -0.20 10.29
N ASN A 1009 33.53 -0.92 9.63
CA ASN A 1009 33.58 -2.39 9.56
C ASN A 1009 33.66 -3.00 10.96
N ASP A 1010 32.87 -2.45 11.88
CA ASP A 1010 32.82 -2.86 13.27
C ASP A 1010 31.65 -3.79 13.50
N LYS A 1011 31.92 -4.92 14.17
CA LYS A 1011 30.94 -5.98 14.40
C LYS A 1011 30.17 -5.80 15.70
N ARG A 1012 30.38 -4.69 16.42
CA ARG A 1012 29.67 -4.47 17.67
C ARG A 1012 28.15 -4.49 17.41
N PRO A 1013 27.36 -4.81 18.42
CA PRO A 1013 25.90 -4.76 18.28
C PRO A 1013 25.45 -3.32 18.16
N PRO A 1014 24.56 -3.00 17.20
CA PRO A 1014 24.29 -1.60 16.85
C PRO A 1014 23.22 -0.95 17.73
N ARG A 1015 23.49 -0.87 19.04
CA ARG A 1015 22.61 -0.21 19.98
C ARG A 1015 23.46 0.55 20.98
N ILE A 1016 23.08 1.79 21.29
CA ILE A 1016 23.82 2.59 22.27
C ILE A 1016 23.00 2.59 23.55
N ILE A 1017 23.57 1.95 24.55
CA ILE A 1017 23.01 1.89 25.90
C ILE A 1017 23.91 2.75 26.78
N LYS A 1018 23.31 3.58 27.64
CA LYS A 1018 24.04 4.41 28.57
C LYS A 1018 23.51 4.15 29.97
N THR A 1019 24.43 4.06 30.95
CA THR A 1019 24.01 3.85 32.33
C THR A 1019 24.15 5.17 33.08
N ILE A 1020 23.03 5.68 33.59
CA ILE A 1020 22.99 6.93 34.36
C ILE A 1020 23.22 6.55 35.81
N ALA A 1021 24.42 6.81 36.32
CA ALA A 1021 24.76 6.46 37.69
C ALA A 1021 26.04 7.19 38.08
N SER A 1022 26.82 6.65 39.02
CA SER A 1022 27.95 7.38 39.59
C SER A 1022 29.05 7.70 38.56
N LYS A 1023 29.16 6.96 37.45
CA LYS A 1023 30.11 7.32 36.40
C LYS A 1023 29.57 8.39 35.44
N THR A 1024 28.32 8.83 35.60
CA THR A 1024 27.83 9.94 34.81
C THR A 1024 28.33 11.24 35.41
N GLN A 1025 29.07 12.00 34.62
CA GLN A 1025 29.61 13.28 35.08
C GLN A 1025 28.75 14.48 34.68
N SER A 1026 28.03 14.41 33.56
CA SER A 1026 27.25 15.58 33.13
C SER A 1026 26.10 15.15 32.23
N ILE A 1027 24.90 15.67 32.52
CA ILE A 1027 23.74 15.51 31.67
C ILE A 1027 23.16 16.88 31.39
N LYS A 1028 22.97 17.19 30.12
CA LYS A 1028 22.32 18.42 29.70
C LYS A 1028 21.33 18.11 28.59
N LYS A 1029 20.24 18.87 28.55
CA LYS A 1029 19.23 18.73 27.52
C LYS A 1029 19.37 19.82 26.47
N TYR A 1030 19.48 19.45 25.21
CA TYR A 1030 19.44 20.41 24.13
C TYR A 1030 18.15 20.21 23.34
N SER A 1031 17.97 21.05 22.31
CA SER A 1031 16.80 21.04 21.45
C SER A 1031 17.17 21.72 20.15
N THR A 1032 16.41 21.42 19.10
CA THR A 1032 16.55 22.11 17.83
C THR A 1032 15.21 22.70 17.42
N ASP A 1033 15.27 23.75 16.59
CA ASP A 1033 14.10 24.16 15.82
C ASP A 1033 13.93 23.18 14.65
N ILE A 1034 12.94 23.42 13.79
CA ILE A 1034 12.69 22.51 12.67
C ILE A 1034 13.81 22.51 11.64
N LEU A 1035 14.72 23.49 11.66
CA LEU A 1035 15.80 23.56 10.68
C LEU A 1035 17.12 23.01 11.21
N GLY A 1036 17.20 22.61 12.47
CA GLY A 1036 18.40 22.02 13.02
C GLY A 1036 19.29 22.94 13.83
N ASN A 1037 18.82 24.14 14.16
CA ASN A 1037 19.63 25.06 14.96
C ASN A 1037 19.58 24.60 16.42
N LEU A 1038 20.76 24.39 17.01
CA LEU A 1038 20.86 23.86 18.36
C LEU A 1038 20.72 24.95 19.40
N TYR A 1039 19.97 24.67 20.46
CA TYR A 1039 20.03 25.54 21.62
C TYR A 1039 19.90 24.69 22.88
N GLU A 1040 20.54 25.15 23.96
CA GLU A 1040 20.39 24.47 25.22
C GLU A 1040 19.10 24.91 25.89
N VAL A 1041 18.40 23.95 26.51
CA VAL A 1041 17.13 24.20 27.16
C VAL A 1041 17.39 24.57 28.61
N LYS A 1042 16.74 25.64 29.08
CA LYS A 1042 16.64 25.95 30.50
C LYS A 1042 15.40 25.21 31.00
N SER A 1043 15.60 24.19 31.82
CA SER A 1043 14.43 23.41 32.24
C SER A 1043 13.74 24.08 33.41
N LYS A 1044 12.49 23.69 33.63
CA LYS A 1044 11.70 24.22 34.72
C LYS A 1044 12.27 23.74 36.05
N LYS A 1045 11.70 24.28 37.14
CA LYS A 1045 12.07 23.78 38.46
C LYS A 1045 11.49 22.40 38.73
N HIS A 1046 10.38 22.06 38.10
CA HIS A 1046 9.63 20.87 38.44
C HIS A 1046 9.29 20.06 37.18
N PRO A 1047 9.10 18.75 37.31
CA PRO A 1047 8.60 17.96 36.18
C PRO A 1047 7.13 18.24 35.90
N GLN A 1048 6.79 18.38 34.62
CA GLN A 1048 5.42 18.69 34.23
C GLN A 1048 4.49 17.51 34.53
N ILE A 1049 3.33 17.80 35.13
CA ILE A 1049 2.33 16.79 35.50
C ILE A 1049 1.22 16.64 34.46
N ILE A 1050 0.83 17.71 33.78
CA ILE A 1050 -0.33 17.67 32.89
C ILE A 1050 0.15 17.74 31.44
N LYS A 1051 -0.50 16.96 30.58
CA LYS A 1051 -0.33 16.97 29.13
C LYS A 1051 -1.72 17.08 28.52
N LYS A 1052 -1.93 18.07 27.65
CA LYS A 1052 -3.29 18.30 27.09
C LYS A 1052 -3.63 17.33 25.96
N SER E 3 40.66 -3.86 -42.57
CA SER E 3 39.28 -3.85 -42.08
C SER E 3 38.31 -4.48 -43.07
N VAL E 4 37.29 -5.15 -42.55
CA VAL E 4 36.26 -5.79 -43.37
C VAL E 4 34.89 -5.26 -42.94
N LYS E 5 34.09 -4.87 -43.93
CA LYS E 5 32.72 -4.44 -43.72
C LYS E 5 31.75 -5.57 -44.08
N TYR E 6 30.90 -5.94 -43.13
CA TYR E 6 29.92 -7.01 -43.30
C TYR E 6 28.51 -6.45 -43.24
N ILE E 7 27.64 -6.96 -44.10
CA ILE E 7 26.19 -6.77 -43.96
C ILE E 7 25.69 -7.85 -43.02
N SER E 8 25.27 -7.46 -41.82
CA SER E 8 24.87 -8.40 -40.77
C SER E 8 23.36 -8.59 -40.65
N ASN E 9 22.59 -7.58 -41.00
CA ASN E 9 21.16 -7.63 -40.74
C ASN E 9 20.48 -6.68 -41.72
N MET E 10 19.32 -7.10 -42.21
CA MET E 10 18.52 -6.29 -43.12
C MET E 10 17.05 -6.52 -42.80
N SER E 11 16.23 -5.55 -43.19
CA SER E 11 14.80 -5.64 -42.93
C SER E 11 14.10 -4.73 -43.93
N LYS E 12 13.19 -5.31 -44.71
CA LYS E 12 12.44 -4.53 -45.70
C LYS E 12 11.39 -3.69 -45.00
N GLN E 13 11.45 -2.38 -45.19
CA GLN E 13 10.47 -1.46 -44.64
C GLN E 13 9.75 -0.78 -45.80
N GLU E 14 8.75 0.04 -45.47
CA GLU E 14 8.06 0.78 -46.51
C GLU E 14 8.91 1.93 -47.03
N LYS E 15 9.67 2.57 -46.14
CA LYS E 15 10.63 3.62 -46.48
C LYS E 15 12.00 2.96 -46.65
N GLY E 16 12.24 2.40 -47.84
CA GLY E 16 13.51 1.74 -48.09
C GLY E 16 13.68 0.47 -47.26
N TYR E 17 14.95 0.14 -46.94
CA TYR E 17 15.28 -0.97 -46.06
C TYR E 17 16.12 -0.47 -44.89
N ARG E 18 16.10 -1.24 -43.81
CA ARG E 18 16.98 -1.07 -42.66
C ARG E 18 18.20 -1.98 -42.85
N VAL E 19 19.41 -1.42 -42.69
CA VAL E 19 20.64 -2.16 -42.97
C VAL E 19 21.58 -1.99 -41.79
N TYR E 20 22.14 -3.10 -41.30
CA TYR E 20 23.16 -3.05 -40.25
C TYR E 20 24.48 -3.51 -40.84
N VAL E 21 25.52 -2.72 -40.64
CA VAL E 21 26.85 -3.02 -41.14
C VAL E 21 27.82 -3.07 -39.97
N ASN E 22 28.62 -4.14 -39.92
CA ASN E 22 29.69 -4.29 -38.94
C ASN E 22 31.03 -3.97 -39.60
N VAL E 23 31.77 -3.02 -39.04
CA VAL E 23 33.09 -2.66 -39.51
C VAL E 23 34.09 -3.27 -38.53
N VAL E 24 34.86 -4.25 -39.00
CA VAL E 24 35.61 -5.15 -38.12
C VAL E 24 37.08 -5.12 -38.51
N ASN E 25 37.94 -4.87 -37.53
CA ASN E 25 39.38 -5.11 -37.60
C ASN E 25 39.74 -6.19 -36.57
N GLU E 26 41.03 -6.34 -36.28
CA GLU E 26 41.44 -7.41 -35.37
C GLU E 26 41.03 -7.15 -33.93
N ASP E 27 40.79 -5.89 -33.57
CA ASP E 27 40.45 -5.54 -32.19
C ASP E 27 38.95 -5.29 -32.00
N THR E 28 38.34 -4.45 -32.84
CA THR E 28 37.04 -3.91 -32.53
C THR E 28 36.01 -4.24 -33.60
N ASP E 29 34.75 -4.33 -33.15
CA ASP E 29 33.57 -4.41 -33.99
C ASP E 29 32.79 -3.12 -33.83
N LYS E 30 32.69 -2.34 -34.92
CA LYS E 30 31.96 -1.07 -34.97
C LYS E 30 30.72 -1.28 -35.79
N GLY E 31 29.50 -1.28 -35.10
CA GLY E 31 28.28 -1.58 -35.80
C GLY E 31 27.51 -0.32 -36.16
N PHE E 32 27.13 -0.22 -37.44
CA PHE E 32 26.41 0.94 -37.99
C PHE E 32 24.97 0.55 -38.31
N LEU E 33 24.01 1.23 -37.70
CA LEU E 33 22.60 0.99 -37.98
C LEU E 33 22.07 2.05 -38.95
N PHE E 34 21.76 1.62 -40.18
CA PHE E 34 21.17 2.51 -41.18
C PHE E 34 19.66 2.31 -41.17
N PRO E 35 18.89 3.21 -40.56
CA PRO E 35 17.44 2.96 -40.44
C PRO E 35 16.70 2.96 -41.78
N SER E 36 17.15 3.71 -42.78
CA SER E 36 16.39 3.81 -44.01
C SER E 36 17.33 4.14 -45.18
N VAL E 37 17.70 3.10 -45.93
CA VAL E 37 18.43 3.27 -47.20
C VAL E 37 17.46 2.94 -48.32
N PRO E 38 17.37 3.75 -49.37
CA PRO E 38 16.28 3.60 -50.35
C PRO E 38 16.50 2.41 -51.28
N LYS E 39 15.39 2.04 -51.95
CA LYS E 39 15.39 0.91 -52.86
C LYS E 39 16.38 1.09 -54.01
N GLU E 40 16.58 2.32 -54.47
CA GLU E 40 17.48 2.58 -55.58
C GLU E 40 18.92 2.17 -55.26
N VAL E 41 19.31 2.21 -53.98
CA VAL E 41 20.63 1.74 -53.58
C VAL E 41 20.65 0.23 -53.38
N ILE E 42 19.59 -0.32 -52.76
CA ILE E 42 19.54 -1.74 -52.41
C ILE E 42 19.35 -2.61 -53.66
N GLU E 43 18.44 -2.21 -54.56
CA GLU E 43 18.14 -3.02 -55.73
C GLU E 43 19.29 -3.04 -56.73
N ASN E 44 20.17 -2.05 -56.69
CA ASN E 44 21.23 -1.95 -57.68
C ASN E 44 22.62 -2.10 -57.08
N ASP E 45 22.73 -2.62 -55.85
CA ASP E 45 24.01 -2.94 -55.21
C ASP E 45 24.93 -1.73 -55.18
N LYS E 46 24.41 -0.53 -54.94
CA LYS E 46 25.33 0.60 -54.85
C LYS E 46 25.86 0.74 -53.45
N ILE E 47 26.86 -0.09 -53.24
CA ILE E 47 27.66 -0.18 -52.05
C ILE E 47 28.31 1.15 -51.73
N ASP E 48 28.82 1.85 -52.75
CA ASP E 48 29.67 3.01 -52.50
C ASP E 48 28.88 4.22 -52.01
N GLU E 49 27.55 4.14 -52.03
CA GLU E 49 26.66 5.19 -51.56
C GLU E 49 26.16 4.95 -50.15
N LEU E 50 26.30 3.72 -49.65
CA LEU E 50 25.71 3.31 -48.37
C LEU E 50 26.10 4.25 -47.24
N PHE E 51 27.39 4.57 -47.11
CA PHE E 51 27.84 5.35 -45.94
C PHE E 51 27.59 6.86 -46.07
N ASN E 52 27.01 7.31 -47.19
CA ASN E 52 26.43 8.64 -47.24
C ASN E 52 25.17 8.77 -46.40
N PHE E 53 24.44 7.67 -46.18
CA PHE E 53 23.14 7.77 -45.56
C PHE E 53 23.25 7.85 -44.04
N GLU E 54 22.25 8.50 -43.46
CA GLU E 54 22.20 8.73 -42.03
C GLU E 54 22.27 7.39 -41.27
N HIS E 55 23.12 7.34 -40.25
CA HIS E 55 23.22 6.16 -39.40
C HIS E 55 23.25 6.57 -37.94
N HIS E 56 22.98 5.60 -37.07
CA HIS E 56 23.16 5.88 -35.65
C HIS E 56 24.64 5.82 -35.31
N LYS E 57 24.97 6.45 -34.18
CA LYS E 57 26.34 6.40 -33.68
C LYS E 57 26.81 4.95 -33.66
N PRO E 58 28.01 4.66 -34.17
CA PRO E 58 28.46 3.26 -34.22
C PRO E 58 28.61 2.68 -32.82
N TYR E 59 28.19 1.41 -32.67
CA TYR E 59 28.29 0.72 -31.39
C TYR E 59 29.58 -0.10 -31.38
N VAL E 60 30.50 0.26 -30.47
CA VAL E 60 31.82 -0.36 -30.39
C VAL E 60 31.79 -1.53 -29.42
N GLN E 61 32.30 -2.68 -29.85
CA GLN E 61 32.48 -3.82 -28.96
C GLN E 61 33.67 -4.63 -29.48
N LYS E 62 34.04 -5.63 -28.70
CA LYS E 62 35.18 -6.45 -29.09
C LYS E 62 34.85 -7.29 -30.33
N ALA E 63 35.80 -7.38 -31.24
CA ALA E 63 35.60 -8.14 -32.48
C ALA E 63 35.30 -9.61 -32.17
N LYS E 64 34.39 -10.18 -32.95
CA LYS E 64 33.95 -11.56 -32.80
C LYS E 64 34.98 -12.51 -33.42
N SER E 65 34.92 -13.78 -33.01
CA SER E 65 35.87 -14.75 -33.56
C SER E 65 35.49 -15.18 -34.97
N ARG E 66 34.20 -15.28 -35.26
CA ARG E 66 33.79 -15.50 -36.64
C ARG E 66 32.56 -14.68 -36.98
N TYR E 67 32.32 -14.55 -38.27
CA TYR E 67 31.22 -13.76 -38.83
C TYR E 67 30.49 -14.58 -39.87
N ASP E 68 29.99 -15.75 -39.47
CA ASP E 68 29.25 -16.61 -40.39
C ASP E 68 27.77 -16.27 -40.40
N LYS E 69 27.11 -16.30 -39.25
CA LYS E 69 25.71 -15.94 -39.19
C LYS E 69 25.44 -15.15 -37.93
N ASN E 70 24.38 -14.35 -37.98
CA ASN E 70 23.96 -13.57 -36.81
C ASN E 70 23.22 -14.45 -35.82
N GLY E 71 22.74 -13.85 -34.73
CA GLY E 71 22.03 -14.62 -33.73
C GLY E 71 20.60 -14.94 -34.09
N ILE E 72 20.03 -14.25 -35.08
CA ILE E 72 18.70 -14.56 -35.60
C ILE E 72 18.77 -15.72 -36.58
N GLY E 73 19.90 -15.86 -37.29
CA GLY E 73 20.10 -16.97 -38.21
C GLY E 73 20.48 -16.59 -39.63
N TYR E 74 20.43 -15.30 -39.95
CA TYR E 74 20.83 -14.82 -41.26
C TYR E 74 22.31 -15.07 -41.51
N LYS E 75 22.64 -15.40 -42.74
CA LYS E 75 24.04 -15.60 -43.10
C LYS E 75 24.67 -14.26 -43.45
N ILE E 76 25.82 -14.00 -42.82
CA ILE E 76 26.49 -12.71 -42.91
C ILE E 76 27.23 -12.63 -44.24
N VAL E 77 27.09 -11.50 -44.93
CA VAL E 77 27.65 -11.30 -46.25
C VAL E 77 28.59 -10.10 -46.20
N GLN E 78 29.72 -10.19 -46.89
CA GLN E 78 30.60 -9.04 -46.96
C GLN E 78 29.95 -7.93 -47.77
N LEU E 79 30.21 -6.68 -47.37
CA LEU E 79 29.59 -5.55 -48.03
C LEU E 79 29.93 -5.49 -49.52
N ASP E 80 31.12 -5.99 -49.91
CA ASP E 80 31.48 -5.98 -51.33
C ASP E 80 30.60 -6.89 -52.16
N GLU E 81 30.02 -7.94 -51.56
CA GLU E 81 29.19 -8.88 -52.30
C GLU E 81 27.83 -8.30 -52.66
N GLY E 82 27.33 -7.33 -51.91
CA GLY E 82 26.12 -6.63 -52.29
C GLY E 82 24.92 -7.03 -51.45
N PHE E 83 23.90 -6.17 -51.50
CA PHE E 83 22.68 -6.42 -50.72
C PHE E 83 21.86 -7.54 -51.33
N GLN E 84 21.89 -7.69 -52.65
CA GLN E 84 21.12 -8.74 -53.30
C GLN E 84 21.62 -10.13 -52.94
N LYS E 85 22.92 -10.28 -52.63
CA LYS E 85 23.40 -11.56 -52.15
C LYS E 85 22.86 -11.85 -50.76
N PHE E 86 22.77 -10.81 -49.92
CA PHE E 86 22.21 -10.98 -48.59
C PHE E 86 20.73 -11.37 -48.65
N ILE E 87 19.98 -10.70 -49.53
CA ILE E 87 18.55 -11.00 -49.65
C ILE E 87 18.36 -12.39 -50.23
N GLU E 88 19.15 -12.73 -51.26
CA GLU E 88 19.02 -14.03 -51.91
C GLU E 88 19.32 -15.17 -50.95
N LEU E 89 20.36 -15.02 -50.12
CA LEU E 89 20.69 -16.09 -49.18
C LEU E 89 19.69 -16.15 -48.03
N ASN E 90 19.13 -15.03 -47.62
CA ASN E 90 18.41 -14.97 -46.36
C ASN E 90 16.92 -14.69 -46.52
N LYS E 91 16.41 -14.67 -47.76
CA LYS E 91 15.02 -14.27 -48.03
C LYS E 91 14.01 -15.08 -47.23
N GLU E 92 14.14 -16.41 -47.23
CA GLU E 92 13.14 -17.24 -46.59
C GLU E 92 13.12 -17.04 -45.07
N LYS E 93 14.29 -16.92 -44.46
CA LYS E 93 14.37 -16.69 -43.01
C LYS E 93 13.95 -15.27 -42.65
N MET E 94 14.18 -14.33 -43.55
CA MET E 94 13.65 -12.98 -43.38
C MET E 94 12.12 -12.97 -43.41
N LYS E 95 11.52 -13.77 -44.30
CA LYS E 95 10.07 -13.95 -44.26
C LYS E 95 9.62 -14.51 -42.92
N GLU E 96 10.34 -15.50 -42.39
CA GLU E 96 9.98 -16.11 -41.11
C GLU E 96 10.03 -15.11 -39.96
N ASN E 97 10.97 -14.17 -40.00
CA ASN E 97 11.21 -13.22 -38.92
C ASN E 97 10.61 -11.83 -39.22
N LEU E 98 9.62 -11.75 -40.12
CA LEU E 98 8.89 -10.53 -40.46
C LEU E 98 9.77 -9.44 -41.09
N ASP E 99 10.95 -9.80 -41.61
CA ASP E 99 11.85 -8.84 -42.23
C ASP E 99 11.72 -8.79 -43.76
N TYR E 100 10.83 -9.60 -44.34
CA TYR E 100 10.58 -9.58 -45.78
C TYR E 100 9.15 -10.03 -46.07
#